data_3EPL
#
_entry.id   3EPL
#
_cell.length_a   164.074
_cell.length_b   209.850
_cell.length_c   127.318
_cell.angle_alpha   90.000
_cell.angle_beta   90.000
_cell.angle_gamma   90.000
#
_symmetry.space_group_name_H-M   'C 2 2 21'
#
loop_
_entity.id
_entity.type
_entity.pdbx_description
1 polymer 'tRNA isopentenyltransferase'
2 polymer tRNA
3 polymer tRNA
4 non-polymer 'ZINC ION'
5 non-polymer 'DIMETHYLALLYL DIPHOSPHATE'
6 non-polymer 'MAGNESIUM ION'
7 water water
#
loop_
_entity_poly.entity_id
_entity_poly.type
_entity_poly.pdbx_seq_one_letter_code
_entity_poly.pdbx_strand_id
1 'polypeptide(L)'
;SKKVIVIAGTTGVGKSQLSIQLAQKFNGEVINSDSMQVYKDIPIITNKHPLQEREGIPHHVMNHVDWSEEYYSHRFETEC
MNAIEDIHRRGKIPIVVGGTHYYLQTLFNKRVDTKSSERKLTRKQLDILESTDPDVIYNTLVKCDPDIATKYHPNDYRRV
QRMLEIYYKTGKKPSETFNEQKITLKFDTLFLWLYSKPEPLFQRLDDRVDDMLERGALQEIKQLYEYYSQNKFTPEQCEN
GVWQVIGFKEFLPWLTGKTDDNTVKLEDCIERMKTRTRQYAKRQVKWIKKMLIPDIKGDIYLLDATDLSQWDTNASQRAI
AISNDFISNRPIKQERAPKALEELLSKGETTMKKLDDWTHYTCNVCRNADGKNVVAIGEKYWKIHLGSRRHKSNLKRNTR
QADFEKWKI
;
A,B
2 'polyribonucleotide' CUCGUAUGGCGCAGUGGUAGCGCAGCAGAUUGCA(6IA)AUCUGUUGGUCCUUAGUUCGAUCCUGAGUGCGAG E
3 'polyribonucleotide' CUCGUAUGGCGCAGUGGUAGCGCAGCAGAUUGCAAAUCUGUUGGUCCUUAGUUCGAUCCUGAGUGCGAG F
#
loop_
_chem_comp.id
_chem_comp.type
_chem_comp.name
_chem_comp.formula
6IA RNA linking N6-ISOPENTENYL-ADENOSINE-5'-MONOPHOSPHATE 'C15 H24 N5 O7 P'
A RNA linking ADENOSINE-5'-MONOPHOSPHATE 'C10 H14 N5 O7 P'
C RNA linking CYTIDINE-5'-MONOPHOSPHATE 'C9 H14 N3 O8 P'
DMA non-polymer 'DIMETHYLALLYL DIPHOSPHATE' 'C5 H12 O7 P2'
G RNA linking GUANOSINE-5'-MONOPHOSPHATE 'C10 H14 N5 O8 P'
MG non-polymer 'MAGNESIUM ION' 'Mg 2'
U RNA linking URIDINE-5'-MONOPHOSPHATE 'C9 H13 N2 O9 P'
ZN non-polymer 'ZINC ION' 'Zn 2'
#
# COMPACT_ATOMS: atom_id res chain seq x y z
N SER A 1 -11.64 -3.70 9.77
CA SER A 1 -12.75 -3.24 10.64
C SER A 1 -13.43 -1.97 10.11
N LYS A 2 -13.30 -0.87 10.86
CA LYS A 2 -13.87 0.41 10.48
C LYS A 2 -13.23 0.90 9.19
N LYS A 3 -14.04 1.15 8.17
CA LYS A 3 -13.53 1.61 6.89
C LYS A 3 -13.99 3.03 6.57
N VAL A 4 -13.28 3.67 5.65
CA VAL A 4 -13.61 5.03 5.24
C VAL A 4 -13.44 5.17 3.73
N ILE A 5 -14.24 6.01 3.09
CA ILE A 5 -14.12 6.16 1.65
C ILE A 5 -13.90 7.61 1.25
N VAL A 6 -12.64 8.02 1.11
CA VAL A 6 -12.32 9.40 0.72
C VAL A 6 -12.48 9.64 -0.77
N ILE A 7 -12.84 10.86 -1.13
CA ILE A 7 -13.00 11.21 -2.54
C ILE A 7 -12.23 12.48 -2.90
N ALA A 8 -11.05 12.32 -3.47
CA ALA A 8 -10.24 13.47 -3.86
C ALA A 8 -10.53 13.91 -5.30
N GLY A 9 -9.99 15.07 -5.68
CA GLY A 9 -10.22 15.59 -7.01
C GLY A 9 -10.53 17.07 -6.96
N THR A 10 -10.38 17.73 -8.10
CA THR A 10 -10.64 19.16 -8.18
C THR A 10 -12.12 19.37 -7.97
N THR A 11 -12.59 20.57 -8.30
CA THR A 11 -13.98 20.90 -8.13
C THR A 11 -14.64 21.17 -9.46
N GLY A 12 -14.72 20.14 -10.28
CA GLY A 12 -15.35 20.30 -11.57
C GLY A 12 -15.67 18.96 -12.21
N VAL A 13 -15.93 17.97 -11.36
CA VAL A 13 -16.23 16.59 -11.81
C VAL A 13 -17.58 16.08 -11.29
N GLY A 14 -17.69 16.01 -9.97
CA GLY A 14 -18.90 15.55 -9.32
C GLY A 14 -18.62 14.87 -8.00
N LYS A 15 -17.56 15.28 -7.32
CA LYS A 15 -17.22 14.66 -6.04
C LYS A 15 -18.42 14.65 -5.12
N SER A 16 -19.08 15.80 -5.00
CA SER A 16 -20.27 15.93 -4.15
C SER A 16 -21.43 15.13 -4.79
N GLN A 17 -21.45 15.12 -6.12
CA GLN A 17 -22.48 14.43 -6.89
C GLN A 17 -22.37 12.91 -6.69
N LEU A 18 -21.15 12.42 -6.52
CA LEU A 18 -20.91 11.00 -6.34
C LEU A 18 -20.89 10.59 -4.87
N SER A 19 -20.46 11.52 -4.01
CA SER A 19 -20.40 11.24 -2.58
C SER A 19 -21.76 10.77 -2.08
N ILE A 20 -22.82 11.16 -2.81
CA ILE A 20 -24.19 10.80 -2.46
C ILE A 20 -24.50 9.41 -3.00
N GLN A 21 -24.18 9.18 -4.27
CA GLN A 21 -24.45 7.88 -4.89
C GLN A 21 -23.95 6.74 -4.03
N LEU A 22 -22.77 6.92 -3.45
CA LEU A 22 -22.18 5.89 -2.61
C LEU A 22 -22.71 5.91 -1.20
N ALA A 23 -22.69 7.09 -0.56
CA ALA A 23 -23.18 7.21 0.81
C ALA A 23 -24.50 6.46 1.09
N GLN A 24 -25.32 6.30 0.05
CA GLN A 24 -26.58 5.60 0.17
C GLN A 24 -26.44 4.10 -0.08
N LYS A 25 -26.11 3.72 -1.32
CA LYS A 25 -25.95 2.30 -1.68
C LYS A 25 -25.11 1.48 -0.68
N PHE A 26 -24.27 2.18 0.07
CA PHE A 26 -23.42 1.52 1.05
C PHE A 26 -23.66 2.05 2.44
N ASN A 27 -24.66 2.92 2.59
CA ASN A 27 -24.98 3.50 3.90
C ASN A 27 -23.79 4.24 4.53
N GLY A 28 -23.84 5.57 4.53
CA GLY A 28 -22.74 6.32 5.10
C GLY A 28 -22.99 7.82 5.18
N GLU A 29 -22.18 8.48 5.99
CA GLU A 29 -22.26 9.93 6.19
C GLU A 29 -21.15 10.61 5.37
N VAL A 30 -21.45 11.73 4.74
CA VAL A 30 -20.45 12.42 3.92
C VAL A 30 -19.73 13.51 4.67
N ILE A 31 -18.59 13.19 5.25
CA ILE A 31 -17.81 14.18 5.99
C ILE A 31 -17.19 15.16 5.02
N ASN A 32 -17.38 16.46 5.21
CA ASN A 32 -16.78 17.42 4.30
C ASN A 32 -15.35 17.80 4.73
N SER A 33 -14.62 18.44 3.82
CA SER A 33 -13.26 18.87 4.10
C SER A 33 -12.99 20.27 3.55
N ASP A 34 -13.83 20.71 2.61
CA ASP A 34 -13.66 22.03 2.01
C ASP A 34 -13.71 23.10 3.08
N SER A 35 -12.66 23.92 3.16
CA SER A 35 -12.59 24.97 4.15
C SER A 35 -13.51 26.16 3.82
N MET A 36 -14.50 25.94 2.97
CA MET A 36 -15.43 26.99 2.60
C MET A 36 -16.87 26.58 2.88
N GLN A 37 -17.14 25.28 2.77
CA GLN A 37 -18.48 24.78 3.02
C GLN A 37 -18.79 24.86 4.51
N VAL A 38 -17.76 25.10 5.31
CA VAL A 38 -17.94 25.19 6.76
C VAL A 38 -18.27 26.61 7.22
N TYR A 39 -19.33 27.17 6.67
CA TYR A 39 -19.77 28.52 7.03
C TYR A 39 -21.28 28.67 6.80
N LYS A 40 -21.95 29.34 7.75
CA LYS A 40 -23.39 29.56 7.69
C LYS A 40 -23.89 29.92 6.28
N ASP A 41 -24.83 29.11 5.80
CA ASP A 41 -25.39 29.30 4.47
C ASP A 41 -24.36 29.73 3.42
N ILE A 42 -24.71 30.76 2.66
CA ILE A 42 -23.85 31.28 1.60
C ILE A 42 -23.24 30.12 0.80
N PRO A 43 -24.09 29.25 0.22
CA PRO A 43 -23.67 28.10 -0.56
C PRO A 43 -23.44 28.38 -2.04
N ILE A 44 -24.41 29.02 -2.65
CA ILE A 44 -24.34 29.35 -4.07
C ILE A 44 -22.97 29.79 -4.58
N ILE A 45 -22.08 30.19 -3.69
CA ILE A 45 -20.73 30.63 -4.09
C ILE A 45 -19.61 29.93 -3.33
N THR A 46 -19.95 29.28 -2.20
CA THR A 46 -18.97 28.53 -1.40
C THR A 46 -19.03 27.06 -1.86
N ASN A 47 -19.90 26.82 -2.84
CA ASN A 47 -20.09 25.50 -3.44
C ASN A 47 -20.33 24.37 -2.46
N LYS A 48 -21.46 23.69 -2.65
CA LYS A 48 -21.86 22.57 -1.82
C LYS A 48 -23.27 22.17 -2.18
N HIS A 49 -23.39 21.00 -2.79
CA HIS A 49 -24.68 20.45 -3.21
C HIS A 49 -25.88 20.93 -2.38
N PRO A 50 -26.92 21.46 -3.03
CA PRO A 50 -28.11 21.92 -2.31
C PRO A 50 -28.94 20.75 -1.74
N LEU A 51 -29.71 21.01 -0.68
CA LEU A 51 -30.52 19.94 -0.08
C LEU A 51 -31.54 19.34 -1.03
N GLN A 52 -31.82 20.00 -2.15
CA GLN A 52 -32.78 19.49 -3.13
C GLN A 52 -32.45 18.06 -3.57
N GLU A 53 -31.27 17.88 -4.18
CA GLU A 53 -30.80 16.56 -4.64
C GLU A 53 -29.93 15.91 -3.54
N ARG A 54 -30.10 16.39 -2.32
CA ARG A 54 -29.36 15.88 -1.17
C ARG A 54 -29.79 14.43 -0.89
N GLU A 55 -31.04 14.13 -1.25
CA GLU A 55 -31.62 12.80 -1.05
C GLU A 55 -31.55 12.35 0.41
N GLY A 56 -31.62 13.31 1.32
CA GLY A 56 -31.58 13.01 2.74
C GLY A 56 -30.32 12.30 3.22
N ILE A 57 -29.18 12.66 2.65
CA ILE A 57 -27.93 12.02 3.05
C ILE A 57 -27.22 12.92 4.04
N PRO A 58 -26.94 12.40 5.24
CA PRO A 58 -26.25 13.14 6.31
C PRO A 58 -24.85 13.66 5.95
N HIS A 59 -24.64 14.96 6.12
CA HIS A 59 -23.34 15.58 5.85
C HIS A 59 -22.83 16.18 7.13
N HIS A 60 -21.57 15.90 7.48
CA HIS A 60 -21.00 16.43 8.71
C HIS A 60 -20.01 17.57 8.47
N VAL A 61 -19.51 18.11 9.58
CA VAL A 61 -18.55 19.22 9.57
C VAL A 61 -18.76 20.22 8.43
N MET A 62 -19.81 21.04 8.54
CA MET A 62 -20.09 22.04 7.53
C MET A 62 -21.28 22.91 7.94
N ASN A 63 -21.25 24.18 7.53
CA ASN A 63 -22.31 25.14 7.82
C ASN A 63 -22.45 25.41 9.32
N HIS A 64 -21.53 24.85 10.10
CA HIS A 64 -21.58 25.00 11.55
C HIS A 64 -20.72 26.14 12.07
N VAL A 65 -20.08 26.86 11.16
CA VAL A 65 -19.23 27.96 11.56
C VAL A 65 -19.83 29.27 11.07
N ASP A 66 -19.61 30.33 11.85
CA ASP A 66 -20.12 31.67 11.52
C ASP A 66 -19.09 32.54 10.83
N TRP A 67 -19.58 33.41 9.95
CA TRP A 67 -18.76 34.33 9.18
C TRP A 67 -17.60 34.87 9.99
N SER A 68 -17.85 35.14 11.27
CA SER A 68 -16.83 35.66 12.17
C SER A 68 -16.14 34.54 12.95
N GLU A 69 -15.18 33.90 12.30
CA GLU A 69 -14.41 32.80 12.90
C GLU A 69 -13.29 32.35 11.95
N GLU A 70 -12.14 31.99 12.51
CA GLU A 70 -10.98 31.54 11.72
C GLU A 70 -10.82 30.04 11.87
N TYR A 71 -11.12 29.31 10.80
CA TYR A 71 -11.02 27.86 10.85
C TYR A 71 -9.58 27.44 10.60
N TYR A 72 -9.13 26.41 11.30
CA TYR A 72 -7.77 25.92 11.15
C TYR A 72 -7.67 24.39 11.09
N SER A 73 -6.47 23.90 10.81
CA SER A 73 -6.18 22.46 10.70
C SER A 73 -6.41 21.67 11.98
N HIS A 74 -6.72 22.34 13.09
CA HIS A 74 -6.95 21.64 14.36
C HIS A 74 -8.44 21.41 14.61
N ARG A 75 -9.24 22.46 14.46
CA ARG A 75 -10.66 22.36 14.67
C ARG A 75 -11.23 21.25 13.78
N PHE A 76 -10.57 21.00 12.66
CA PHE A 76 -11.01 19.95 11.75
C PHE A 76 -10.43 18.64 12.24
N GLU A 77 -9.17 18.68 12.66
CA GLU A 77 -8.47 17.51 13.15
C GLU A 77 -9.18 16.88 14.34
N THR A 78 -10.15 17.63 14.88
CA THR A 78 -10.93 17.18 16.03
C THR A 78 -12.35 16.85 15.60
N GLU A 79 -13.03 17.82 14.96
CA GLU A 79 -14.40 17.64 14.50
C GLU A 79 -14.51 16.42 13.59
N CYS A 80 -13.61 16.32 12.63
CA CYS A 80 -13.61 15.18 11.71
C CYS A 80 -13.49 13.89 12.50
N MET A 81 -12.49 13.82 13.35
CA MET A 81 -12.25 12.63 14.15
C MET A 81 -13.53 12.25 14.88
N ASN A 82 -14.19 13.25 15.49
CA ASN A 82 -15.43 13.03 16.22
C ASN A 82 -16.55 12.56 15.28
N ALA A 83 -16.72 13.24 14.15
CA ALA A 83 -17.76 12.88 13.19
C ALA A 83 -17.65 11.42 12.79
N ILE A 84 -16.42 10.98 12.51
CA ILE A 84 -16.16 9.60 12.12
C ILE A 84 -16.62 8.65 13.23
N GLU A 85 -16.36 9.03 14.49
CA GLU A 85 -16.74 8.21 15.64
C GLU A 85 -18.19 7.80 15.48
N ASP A 86 -19.07 8.81 15.58
CA ASP A 86 -20.50 8.63 15.45
C ASP A 86 -20.87 7.64 14.34
N ILE A 87 -20.32 7.87 13.16
CA ILE A 87 -20.59 7.02 12.01
C ILE A 87 -20.18 5.57 12.26
N HIS A 88 -18.98 5.40 12.81
CA HIS A 88 -18.44 4.07 13.10
C HIS A 88 -19.23 3.30 14.16
N ARG A 89 -19.84 4.04 15.09
CA ARG A 89 -20.63 3.41 16.14
C ARG A 89 -22.13 3.43 15.81
N ARG A 90 -22.49 3.83 14.59
CA ARG A 90 -23.90 3.89 14.19
C ARG A 90 -24.24 3.00 13.00
N GLY A 91 -23.47 1.92 12.84
CA GLY A 91 -23.70 0.98 11.75
C GLY A 91 -23.55 1.55 10.35
N LYS A 92 -22.86 2.67 10.25
CA LYS A 92 -22.64 3.30 8.96
C LYS A 92 -21.15 3.32 8.59
N ILE A 93 -20.79 4.15 7.61
CA ILE A 93 -19.41 4.27 7.14
C ILE A 93 -19.10 5.67 6.58
N PRO A 94 -18.04 6.32 7.08
CA PRO A 94 -17.59 7.65 6.66
C PRO A 94 -17.27 7.78 5.18
N ILE A 95 -17.90 8.75 4.52
CA ILE A 95 -17.69 9.00 3.11
C ILE A 95 -17.05 10.38 2.95
N VAL A 96 -15.89 10.57 3.58
CA VAL A 96 -15.16 11.86 3.53
C VAL A 96 -14.79 12.34 2.11
N VAL A 97 -14.99 13.62 1.87
CA VAL A 97 -14.68 14.22 0.59
C VAL A 97 -13.84 15.45 0.89
N GLY A 98 -14.17 16.57 0.27
CA GLY A 98 -13.42 17.77 0.55
C GLY A 98 -12.52 18.28 -0.54
N GLY A 99 -12.07 19.53 -0.37
CA GLY A 99 -11.21 20.16 -1.34
C GLY A 99 -9.84 20.51 -0.78
N THR A 100 -9.78 20.73 0.52
CA THR A 100 -8.50 21.05 1.15
C THR A 100 -7.82 19.75 1.56
N HIS A 101 -7.31 19.06 0.56
CA HIS A 101 -6.65 17.77 0.73
C HIS A 101 -5.64 17.73 1.87
N TYR A 102 -5.19 18.88 2.32
CA TYR A 102 -4.24 18.91 3.44
C TYR A 102 -4.80 18.18 4.66
N TYR A 103 -6.00 18.60 5.05
CA TYR A 103 -6.68 18.07 6.22
C TYR A 103 -6.76 16.57 6.20
N LEU A 104 -6.90 15.99 5.02
CA LEU A 104 -6.98 14.54 4.93
C LEU A 104 -5.74 13.88 5.55
N GLN A 105 -4.72 14.69 5.83
CA GLN A 105 -3.52 14.16 6.43
C GLN A 105 -3.82 13.66 7.84
N THR A 106 -5.02 13.96 8.32
CA THR A 106 -5.41 13.56 9.66
C THR A 106 -5.94 12.14 9.69
N LEU A 107 -6.32 11.64 8.53
CA LEU A 107 -6.85 10.29 8.44
C LEU A 107 -5.79 9.25 8.72
N PHE A 108 -4.66 9.67 9.30
CA PHE A 108 -3.58 8.74 9.65
C PHE A 108 -2.56 9.32 10.63
N ASN A 109 -1.67 8.44 11.11
CA ASN A 109 -0.59 8.80 12.05
C ASN A 109 0.48 9.67 11.38
N LYS A 110 0.49 10.96 11.71
CA LYS A 110 1.46 11.90 11.15
C LYS A 110 1.88 12.92 12.20
N ARG A 111 1.00 13.89 12.45
CA ARG A 111 1.24 14.95 13.43
C ARG A 111 1.81 14.48 14.77
N VAL A 112 2.31 15.44 15.56
CA VAL A 112 2.87 15.14 16.85
C VAL A 112 1.86 15.45 17.96
N ASP A 113 2.12 14.89 19.13
CA ASP A 113 1.24 15.08 20.27
C ASP A 113 1.78 16.20 21.14
N THR A 114 1.84 17.41 20.60
CA THR A 114 2.34 18.58 21.32
C THR A 114 1.26 19.13 22.27
N LYS A 115 0.51 18.22 22.90
CA LYS A 115 -0.56 18.60 23.83
C LYS A 115 -0.35 17.97 25.21
N SER A 116 0.03 16.70 25.24
CA SER A 116 0.26 16.00 26.50
C SER A 116 1.21 16.78 27.38
N SER A 117 2.34 17.17 26.80
CA SER A 117 3.35 17.93 27.53
C SER A 117 3.14 19.44 27.30
N GLU A 118 2.15 20.01 27.99
CA GLU A 118 1.87 21.44 27.87
C GLU A 118 2.93 22.27 28.63
N ARG A 119 4.12 21.68 28.79
CA ARG A 119 5.22 22.35 29.46
C ARG A 119 5.23 23.84 29.09
N LYS A 120 5.47 24.70 30.09
CA LYS A 120 5.52 26.14 29.86
C LYS A 120 6.95 26.53 29.48
N LEU A 121 7.08 27.25 28.38
CA LEU A 121 8.40 27.66 27.90
C LEU A 121 8.95 28.81 28.70
N THR A 122 10.18 28.69 29.15
CA THR A 122 10.79 29.75 29.92
C THR A 122 10.80 31.03 29.12
N ARG A 123 10.73 32.16 29.83
CA ARG A 123 10.75 33.47 29.19
C ARG A 123 11.77 33.47 28.07
N LYS A 124 12.96 32.99 28.38
CA LYS A 124 14.05 32.93 27.42
C LYS A 124 13.68 32.17 26.16
N GLN A 125 12.89 31.10 26.31
CA GLN A 125 12.46 30.27 25.16
C GLN A 125 11.42 30.99 24.32
N LEU A 126 10.45 31.61 25.00
CA LEU A 126 9.40 32.33 24.30
C LEU A 126 9.97 33.50 23.55
N ASP A 127 10.85 34.26 24.18
CA ASP A 127 11.45 35.42 23.52
C ASP A 127 12.02 35.02 22.16
N ILE A 128 12.64 33.84 22.11
CA ILE A 128 13.22 33.33 20.86
C ILE A 128 12.13 32.91 19.88
N LEU A 129 11.10 32.27 20.42
CA LEU A 129 9.96 31.81 19.62
C LEU A 129 9.20 33.02 19.05
N GLU A 130 8.77 33.92 19.94
CA GLU A 130 8.01 35.11 19.56
C GLU A 130 8.93 36.28 19.18
N SER A 131 9.96 35.97 18.41
CA SER A 131 10.89 36.99 17.98
C SER A 131 10.40 37.59 16.67
N THR A 132 10.74 38.85 16.44
CA THR A 132 10.34 39.58 15.24
C THR A 132 11.21 39.26 14.02
N ASP A 133 12.46 38.87 14.28
CA ASP A 133 13.41 38.53 13.25
C ASP A 133 13.36 37.03 12.93
N PRO A 134 13.19 36.69 11.64
CA PRO A 134 13.10 35.31 11.14
C PRO A 134 14.40 34.50 11.17
N ASP A 135 15.54 35.15 11.00
CA ASP A 135 16.81 34.44 11.00
C ASP A 135 17.29 34.08 12.40
N VAL A 136 16.92 34.89 13.39
CA VAL A 136 17.36 34.60 14.75
C VAL A 136 16.64 33.39 15.32
N ILE A 137 15.38 33.21 14.94
CA ILE A 137 14.58 32.07 15.39
C ILE A 137 14.96 30.81 14.60
N TYR A 138 15.61 31.02 13.47
CA TYR A 138 16.07 29.92 12.62
C TYR A 138 17.41 29.40 13.12
N ASN A 139 18.35 30.31 13.35
CA ASN A 139 19.66 29.88 13.84
C ASN A 139 19.49 29.05 15.07
N THR A 140 18.50 29.38 15.89
CA THR A 140 18.22 28.63 17.11
C THR A 140 17.96 27.17 16.76
N LEU A 141 17.18 26.97 15.71
CA LEU A 141 16.84 25.62 15.30
C LEU A 141 18.06 24.95 14.69
N VAL A 142 18.88 25.71 13.97
CA VAL A 142 20.03 25.11 13.35
C VAL A 142 20.91 24.44 14.37
N LYS A 143 21.01 25.06 15.55
CA LYS A 143 21.82 24.52 16.64
C LYS A 143 21.22 23.22 17.13
N CYS A 144 20.14 23.30 17.88
CA CYS A 144 19.45 22.13 18.42
C CYS A 144 18.67 21.44 17.32
N ASP A 145 19.21 20.35 16.78
CA ASP A 145 18.58 19.61 15.68
C ASP A 145 18.79 20.26 14.31
N PRO A 146 20.03 20.23 13.79
CA PRO A 146 20.36 20.82 12.49
C PRO A 146 19.79 19.97 11.36
N ASP A 147 19.38 18.75 11.69
CA ASP A 147 18.81 17.86 10.69
C ASP A 147 17.56 18.49 10.08
N ILE A 148 16.50 18.56 10.87
CA ILE A 148 15.26 19.14 10.42
C ILE A 148 15.53 20.56 9.96
N ALA A 149 16.55 21.20 10.52
CA ALA A 149 16.87 22.57 10.14
C ALA A 149 17.09 22.76 8.63
N THR A 150 17.68 21.75 7.98
CA THR A 150 17.95 21.85 6.54
C THR A 150 16.72 21.61 5.68
N LYS A 151 15.78 20.82 6.18
CA LYS A 151 14.57 20.54 5.42
C LYS A 151 13.75 21.81 5.21
N TYR A 152 14.16 22.91 5.81
CA TYR A 152 13.42 24.15 5.63
C TYR A 152 14.31 25.31 5.24
N HIS A 153 13.68 26.41 4.81
CA HIS A 153 14.38 27.63 4.37
C HIS A 153 14.40 28.68 5.51
N PRO A 154 15.53 29.35 5.69
CA PRO A 154 15.64 30.35 6.75
C PRO A 154 14.61 31.48 6.74
N ASN A 155 13.71 31.47 5.76
CA ASN A 155 12.67 32.50 5.64
C ASN A 155 11.29 31.92 5.90
N ASP A 156 11.24 30.60 6.08
CA ASP A 156 10.00 29.87 6.31
C ASP A 156 9.57 30.08 7.77
N TYR A 157 8.98 31.25 8.03
CA TYR A 157 8.54 31.61 9.36
C TYR A 157 7.73 30.55 10.08
N ARG A 158 6.48 30.43 9.66
CA ARG A 158 5.57 29.48 10.24
C ARG A 158 6.19 28.10 10.43
N ARG A 159 6.96 27.65 9.44
CA ARG A 159 7.58 26.33 9.51
C ARG A 159 8.66 26.22 10.58
N VAL A 160 9.75 26.97 10.41
CA VAL A 160 10.85 26.95 11.36
C VAL A 160 10.34 27.16 12.78
N GLN A 161 9.46 28.14 12.95
CA GLN A 161 8.87 28.43 14.26
C GLN A 161 8.15 27.21 14.85
N ARG A 162 7.38 26.54 14.00
CA ARG A 162 6.65 25.37 14.44
C ARG A 162 7.60 24.26 14.86
N MET A 163 8.67 24.06 14.12
CA MET A 163 9.61 23.00 14.48
C MET A 163 10.29 23.25 15.81
N LEU A 164 10.68 24.49 16.06
CA LEU A 164 11.35 24.82 17.30
C LEU A 164 10.45 24.62 18.48
N GLU A 165 9.20 25.05 18.33
CA GLU A 165 8.20 24.91 19.39
C GLU A 165 8.01 23.44 19.76
N ILE A 166 8.19 22.55 18.78
CA ILE A 166 8.05 21.12 19.00
C ILE A 166 9.25 20.59 19.79
N TYR A 167 10.43 21.14 19.50
CA TYR A 167 11.65 20.75 20.19
C TYR A 167 11.57 21.20 21.65
N TYR A 168 11.12 22.44 21.84
CA TYR A 168 10.97 23.00 23.17
C TYR A 168 9.91 22.28 24.01
N LYS A 169 8.66 22.31 23.56
CA LYS A 169 7.60 21.67 24.31
C LYS A 169 7.73 20.16 24.53
N THR A 170 8.24 19.44 23.54
CA THR A 170 8.37 17.98 23.69
C THR A 170 9.75 17.55 24.19
N GLY A 171 10.73 18.44 24.06
CA GLY A 171 12.08 18.11 24.47
C GLY A 171 12.82 17.30 23.43
N LYS A 172 12.13 16.33 22.81
CA LYS A 172 12.71 15.48 21.76
C LYS A 172 12.67 16.16 20.40
N LYS A 173 13.84 16.30 19.77
CA LYS A 173 13.97 16.94 18.47
C LYS A 173 12.96 16.40 17.48
N PRO A 174 12.42 17.27 16.61
CA PRO A 174 11.44 16.84 15.61
C PRO A 174 12.06 15.97 14.53
N SER A 175 13.39 15.99 14.41
CA SER A 175 14.07 15.19 13.40
C SER A 175 13.94 13.71 13.70
N GLU A 176 14.12 13.35 14.97
CA GLU A 176 14.01 11.97 15.36
C GLU A 176 12.56 11.50 15.28
N THR A 177 11.63 12.37 15.70
CA THR A 177 10.22 12.02 15.69
C THR A 177 9.74 11.54 14.33
N PHE A 178 10.28 12.14 13.28
CA PHE A 178 9.91 11.77 11.92
C PHE A 178 10.66 10.53 11.45
N ASN A 179 11.92 10.38 11.85
CA ASN A 179 12.75 9.23 11.48
C ASN A 179 12.16 7.90 11.97
N GLU A 180 11.28 7.98 12.96
CA GLU A 180 10.66 6.79 13.53
C GLU A 180 9.18 7.07 13.64
N GLN A 181 8.57 7.45 12.53
CA GLN A 181 7.15 7.76 12.54
C GLN A 181 6.34 6.65 11.90
N LYS A 182 5.19 6.34 12.49
CA LYS A 182 4.31 5.29 11.97
C LYS A 182 4.04 5.44 10.48
N ILE A 183 3.47 6.58 10.10
CA ILE A 183 3.12 6.88 8.72
C ILE A 183 1.92 6.04 8.27
N THR A 184 1.60 5.01 9.04
CA THR A 184 0.46 4.14 8.73
C THR A 184 -0.86 4.91 8.78
N LEU A 185 -1.90 4.35 8.17
CA LEU A 185 -3.19 5.00 8.13
C LEU A 185 -4.22 4.35 9.04
N LYS A 186 -4.90 5.17 9.83
CA LYS A 186 -5.93 4.69 10.75
C LYS A 186 -7.16 4.28 9.93
N PHE A 187 -7.81 3.18 10.30
CA PHE A 187 -8.99 2.72 9.57
C PHE A 187 -8.67 2.39 8.11
N ASP A 188 -8.99 1.17 7.70
CA ASP A 188 -8.76 0.76 6.32
C ASP A 188 -9.41 1.80 5.43
N THR A 189 -8.63 2.42 4.56
CA THR A 189 -9.17 3.45 3.69
C THR A 189 -9.14 3.13 2.21
N LEU A 190 -10.00 3.82 1.49
CA LEU A 190 -10.12 3.65 0.06
C LEU A 190 -10.11 5.00 -0.59
N PHE A 191 -8.98 5.38 -1.17
CA PHE A 191 -8.87 6.67 -1.82
C PHE A 191 -9.34 6.63 -3.26
N LEU A 192 -10.28 7.50 -3.61
CA LEU A 192 -10.76 7.55 -4.98
C LEU A 192 -10.38 8.90 -5.56
N TRP A 193 -9.60 8.93 -6.64
CA TRP A 193 -9.18 10.18 -7.26
C TRP A 193 -10.04 10.51 -8.47
N LEU A 194 -11.05 11.35 -8.28
CA LEU A 194 -11.95 11.70 -9.36
C LEU A 194 -11.34 12.82 -10.21
N TYR A 195 -10.33 12.46 -11.01
CA TYR A 195 -9.61 13.42 -11.84
C TYR A 195 -10.26 13.75 -13.19
N SER A 196 -9.79 14.82 -13.83
CA SER A 196 -10.31 15.21 -15.13
C SER A 196 -9.26 16.04 -15.84
N LYS A 197 -9.13 15.84 -17.16
CA LYS A 197 -8.14 16.57 -17.95
C LYS A 197 -8.13 18.04 -17.58
N PRO A 198 -6.97 18.70 -17.66
CA PRO A 198 -6.81 20.12 -17.33
C PRO A 198 -7.55 21.07 -18.27
N GLU A 199 -7.34 20.92 -19.57
CA GLU A 199 -8.01 21.79 -20.52
C GLU A 199 -9.51 21.86 -20.32
N PRO A 200 -10.18 20.71 -20.38
CA PRO A 200 -11.63 20.69 -20.19
C PRO A 200 -12.04 21.14 -18.79
N LEU A 201 -11.47 20.51 -17.76
CA LEU A 201 -11.77 20.87 -16.36
C LEU A 201 -11.61 22.36 -16.11
N PHE A 202 -10.84 23.02 -16.97
CA PHE A 202 -10.63 24.46 -16.85
C PHE A 202 -11.77 25.19 -17.54
N GLN A 203 -12.12 24.76 -18.74
CA GLN A 203 -13.23 25.36 -19.48
C GLN A 203 -14.49 25.25 -18.63
N ARG A 204 -14.67 24.10 -17.99
CA ARG A 204 -15.84 23.85 -17.16
C ARG A 204 -15.82 24.72 -15.89
N LEU A 205 -14.68 24.76 -15.23
CA LEU A 205 -14.52 25.56 -14.01
C LEU A 205 -14.77 27.05 -14.23
N ASP A 206 -14.72 27.48 -15.50
CA ASP A 206 -14.93 28.87 -15.83
C ASP A 206 -16.39 29.12 -16.21
N ASP A 207 -17.01 28.21 -16.94
CA ASP A 207 -18.42 28.39 -17.29
C ASP A 207 -19.18 28.21 -15.96
N ARG A 208 -18.47 27.65 -15.00
CA ARG A 208 -18.94 27.38 -13.63
C ARG A 208 -19.08 28.72 -12.89
N VAL A 209 -18.10 29.58 -13.10
CA VAL A 209 -18.06 30.91 -12.49
C VAL A 209 -19.14 31.79 -13.10
N ASP A 210 -19.35 31.66 -14.41
CA ASP A 210 -20.36 32.45 -15.10
C ASP A 210 -21.76 32.14 -14.59
N ASP A 211 -22.21 30.92 -14.82
CA ASP A 211 -23.55 30.50 -14.36
C ASP A 211 -23.63 30.55 -12.86
N MET A 212 -22.54 30.93 -12.22
CA MET A 212 -22.51 31.02 -10.77
C MET A 212 -23.18 32.33 -10.32
N LEU A 213 -23.17 33.36 -11.18
CA LEU A 213 -23.78 34.65 -10.86
C LEU A 213 -25.29 34.56 -10.89
N GLU A 214 -25.81 33.77 -11.83
CA GLU A 214 -27.24 33.56 -11.97
C GLU A 214 -27.90 32.95 -10.74
N ARG A 215 -27.31 31.89 -10.18
CA ARG A 215 -27.88 31.25 -9.00
C ARG A 215 -27.95 32.23 -7.85
N GLY A 216 -27.38 33.41 -8.04
CA GLY A 216 -27.41 34.44 -7.01
C GLY A 216 -26.07 34.71 -6.34
N ALA A 217 -24.99 34.64 -7.10
CA ALA A 217 -23.65 34.89 -6.55
C ALA A 217 -23.59 36.34 -6.07
N LEU A 218 -24.42 37.18 -6.69
CA LEU A 218 -24.49 38.59 -6.33
C LEU A 218 -24.92 38.75 -4.86
N GLN A 219 -26.14 38.30 -4.55
CA GLN A 219 -26.68 38.39 -3.20
C GLN A 219 -25.75 37.71 -2.20
N GLU A 220 -25.18 36.59 -2.62
CA GLU A 220 -24.25 35.83 -1.79
C GLU A 220 -23.16 36.74 -1.25
N ILE A 221 -22.36 37.29 -2.17
CA ILE A 221 -21.29 38.19 -1.79
C ILE A 221 -21.82 39.47 -1.16
N LYS A 222 -23.01 39.90 -1.60
CA LYS A 222 -23.61 41.13 -1.08
C LYS A 222 -23.95 40.95 0.39
N GLN A 223 -24.46 39.76 0.73
CA GLN A 223 -24.82 39.44 2.09
C GLN A 223 -23.54 39.19 2.88
N LEU A 224 -22.42 39.14 2.17
CA LEU A 224 -21.12 38.92 2.79
C LEU A 224 -20.50 40.27 3.16
N TYR A 225 -20.69 41.27 2.29
CA TYR A 225 -20.16 42.61 2.51
C TYR A 225 -20.96 43.27 3.63
N GLU A 226 -22.17 42.77 3.83
CA GLU A 226 -23.04 43.28 4.87
C GLU A 226 -22.43 42.96 6.23
N TYR A 227 -21.98 41.71 6.40
CA TYR A 227 -21.38 41.30 7.66
C TYR A 227 -20.04 42.02 7.85
N TYR A 228 -19.52 42.55 6.73
CA TYR A 228 -18.26 43.28 6.70
C TYR A 228 -18.41 44.57 7.49
N SER A 229 -19.47 45.33 7.15
CA SER A 229 -19.81 46.61 7.77
C SER A 229 -19.75 46.59 9.30
N GLN A 230 -20.35 45.57 9.91
CA GLN A 230 -20.35 45.44 11.37
C GLN A 230 -18.91 45.22 11.80
N ASN A 231 -18.41 46.11 12.65
CA ASN A 231 -17.04 46.05 13.13
C ASN A 231 -16.09 46.38 11.98
N LYS A 232 -16.65 46.53 10.78
CA LYS A 232 -15.91 46.84 9.56
C LYS A 232 -14.50 46.25 9.60
N PHE A 233 -14.42 44.93 9.44
CA PHE A 233 -13.15 44.22 9.46
C PHE A 233 -12.13 44.80 8.48
N THR A 234 -11.24 45.64 9.01
CA THR A 234 -10.19 46.27 8.21
C THR A 234 -9.35 45.17 7.52
N PRO A 235 -8.38 45.56 6.67
CA PRO A 235 -7.55 44.55 6.01
C PRO A 235 -6.71 43.71 6.99
N GLU A 236 -7.12 43.68 8.26
CA GLU A 236 -6.42 42.92 9.29
C GLU A 236 -7.00 41.52 9.36
N GLN A 237 -8.31 41.45 9.54
CA GLN A 237 -9.01 40.18 9.61
C GLN A 237 -9.84 39.97 8.34
N CYS A 238 -9.17 39.95 7.20
CA CYS A 238 -9.84 39.74 5.91
C CYS A 238 -9.24 38.59 5.12
N GLU A 239 -8.26 37.91 5.70
CA GLU A 239 -7.60 36.77 5.06
C GLU A 239 -7.59 35.58 6.02
N ASN A 240 -8.42 35.64 7.05
CA ASN A 240 -8.50 34.58 8.05
C ASN A 240 -9.96 34.17 8.27
N GLY A 241 -10.70 33.95 7.18
CA GLY A 241 -12.09 33.55 7.29
C GLY A 241 -12.82 33.48 5.95
N VAL A 242 -14.16 33.45 6.02
CA VAL A 242 -14.99 33.39 4.84
C VAL A 242 -14.53 34.44 3.83
N TRP A 243 -13.91 35.50 4.35
CA TRP A 243 -13.41 36.62 3.56
C TRP A 243 -12.69 36.15 2.30
N GLN A 244 -11.86 35.14 2.45
CA GLN A 244 -11.10 34.63 1.33
C GLN A 244 -11.93 33.98 0.25
N VAL A 245 -13.18 33.66 0.52
CA VAL A 245 -14.03 33.02 -0.48
C VAL A 245 -14.03 33.84 -1.76
N ILE A 246 -14.14 33.15 -2.89
CA ILE A 246 -14.16 33.82 -4.18
C ILE A 246 -15.34 34.81 -4.21
N GLY A 247 -15.12 35.97 -4.82
CA GLY A 247 -16.14 37.01 -4.95
C GLY A 247 -16.02 38.19 -3.99
N PHE A 248 -15.71 37.86 -2.74
CA PHE A 248 -15.55 38.85 -1.68
C PHE A 248 -14.54 39.89 -2.14
N LYS A 249 -13.27 39.61 -1.87
CA LYS A 249 -12.18 40.51 -2.23
C LYS A 249 -12.24 40.89 -3.70
N GLU A 250 -12.83 40.02 -4.52
CA GLU A 250 -12.94 40.29 -5.95
C GLU A 250 -13.84 41.48 -6.21
N PHE A 251 -15.00 41.50 -5.56
CA PHE A 251 -15.94 42.60 -5.74
C PHE A 251 -15.89 43.65 -4.65
N LEU A 252 -14.79 43.69 -3.91
CA LEU A 252 -14.61 44.66 -2.84
C LEU A 252 -14.59 46.07 -3.44
N PRO A 253 -13.95 46.25 -4.61
CA PRO A 253 -13.90 47.57 -5.25
C PRO A 253 -15.23 48.00 -5.87
N TRP A 254 -16.14 47.04 -6.04
CA TRP A 254 -17.45 47.32 -6.62
C TRP A 254 -18.38 47.79 -5.51
N LEU A 255 -17.80 48.10 -4.35
CA LEU A 255 -18.53 48.58 -3.18
C LEU A 255 -17.60 49.35 -2.25
N THR A 256 -16.36 49.57 -2.70
CA THR A 256 -15.33 50.28 -1.96
C THR A 256 -15.32 49.86 -0.48
N VAL A 264 -13.33 48.03 -19.13
CA VAL A 264 -14.48 47.47 -18.41
C VAL A 264 -14.16 47.29 -16.91
N LYS A 265 -15.18 47.51 -16.07
CA LYS A 265 -15.03 47.37 -14.62
C LYS A 265 -15.62 46.02 -14.17
N LEU A 266 -16.20 45.28 -15.12
CA LEU A 266 -16.79 43.97 -14.82
C LEU A 266 -15.72 42.89 -14.87
N GLU A 267 -14.89 42.94 -15.91
CA GLU A 267 -13.81 41.98 -16.09
C GLU A 267 -12.86 41.97 -14.88
N ASP A 268 -12.66 43.14 -14.28
CA ASP A 268 -11.78 43.29 -13.13
C ASP A 268 -12.04 42.21 -12.08
N CYS A 269 -13.29 41.76 -11.98
CA CYS A 269 -13.64 40.74 -11.00
C CYS A 269 -13.91 39.40 -11.65
N ILE A 270 -14.45 39.43 -12.87
CA ILE A 270 -14.75 38.21 -13.61
C ILE A 270 -13.47 37.40 -13.90
N GLU A 271 -12.57 37.98 -14.71
CA GLU A 271 -11.33 37.29 -15.04
C GLU A 271 -10.55 36.89 -13.82
N ARG A 272 -10.48 37.77 -12.83
CA ARG A 272 -9.76 37.47 -11.60
C ARG A 272 -10.37 36.26 -10.88
N MET A 273 -11.70 36.21 -10.81
CA MET A 273 -12.38 35.09 -10.16
C MET A 273 -12.04 33.78 -10.87
N LYS A 274 -12.28 33.75 -12.19
CA LYS A 274 -12.01 32.54 -12.96
C LYS A 274 -10.56 32.11 -12.79
N THR A 275 -9.66 33.07 -12.60
CA THR A 275 -8.24 32.76 -12.41
C THR A 275 -8.01 32.11 -11.07
N ARG A 276 -8.41 32.79 -10.01
CA ARG A 276 -8.27 32.25 -8.67
C ARG A 276 -8.76 30.79 -8.60
N THR A 277 -9.88 30.50 -9.27
CA THR A 277 -10.48 29.15 -9.28
C THR A 277 -9.48 28.11 -9.76
N ARG A 278 -8.96 28.37 -10.96
CA ARG A 278 -8.01 27.49 -11.57
C ARG A 278 -6.80 27.29 -10.70
N GLN A 279 -6.33 28.37 -10.05
CA GLN A 279 -5.15 28.27 -9.19
C GLN A 279 -5.35 27.23 -8.10
N TYR A 280 -6.50 27.29 -7.46
CA TYR A 280 -6.84 26.37 -6.40
C TYR A 280 -6.83 24.94 -6.93
N ALA A 281 -7.48 24.77 -8.08
CA ALA A 281 -7.55 23.46 -8.73
C ALA A 281 -6.16 22.93 -8.99
N LYS A 282 -5.32 23.71 -9.67
CA LYS A 282 -3.96 23.32 -9.98
C LYS A 282 -3.19 22.82 -8.75
N ARG A 283 -3.29 23.57 -7.64
CA ARG A 283 -2.59 23.23 -6.40
C ARG A 283 -3.15 21.96 -5.79
N GLN A 284 -4.47 21.81 -5.90
CA GLN A 284 -5.15 20.61 -5.40
C GLN A 284 -4.48 19.39 -6.04
N VAL A 285 -4.47 19.35 -7.37
CA VAL A 285 -3.84 18.25 -8.12
C VAL A 285 -2.42 18.02 -7.64
N LYS A 286 -1.64 19.10 -7.58
CA LYS A 286 -0.25 18.98 -7.14
C LYS A 286 -0.16 18.29 -5.79
N TRP A 287 -1.04 18.65 -4.86
CA TRP A 287 -0.99 18.05 -3.53
C TRP A 287 -1.31 16.57 -3.58
N ILE A 288 -2.22 16.20 -4.45
CA ILE A 288 -2.57 14.82 -4.54
C ILE A 288 -1.44 14.07 -5.18
N LYS A 289 -0.79 14.68 -6.17
CA LYS A 289 0.29 14.02 -6.88
C LYS A 289 1.65 13.99 -6.17
N LYS A 290 1.95 15.03 -5.41
CA LYS A 290 3.23 15.09 -4.72
C LYS A 290 3.14 14.69 -3.26
N MET A 291 1.96 14.85 -2.66
CA MET A 291 1.78 14.51 -1.26
C MET A 291 0.99 13.23 -1.02
N LEU A 292 -0.33 13.33 -1.08
CA LEU A 292 -1.25 12.20 -0.86
C LEU A 292 -0.75 10.88 -1.43
N ILE A 293 -0.90 10.70 -2.74
CA ILE A 293 -0.50 9.49 -3.44
C ILE A 293 0.83 8.89 -2.95
N PRO A 294 1.92 9.66 -3.03
CA PRO A 294 3.19 9.11 -2.56
C PRO A 294 3.09 8.52 -1.14
N ASP A 295 2.47 9.27 -0.23
CA ASP A 295 2.28 8.85 1.15
C ASP A 295 1.55 7.53 1.28
N ILE A 296 0.36 7.44 0.70
CA ILE A 296 -0.40 6.20 0.74
C ILE A 296 0.16 5.15 -0.24
N LYS A 297 1.41 5.35 -0.66
CA LYS A 297 2.12 4.46 -1.59
C LYS A 297 1.30 4.04 -2.81
N GLY A 298 1.09 5.02 -3.68
CA GLY A 298 0.36 4.82 -4.92
C GLY A 298 -0.92 4.00 -4.85
N ASP A 299 -1.52 3.89 -3.66
CA ASP A 299 -2.76 3.11 -3.53
C ASP A 299 -3.98 4.03 -3.62
N ILE A 300 -4.47 4.21 -4.84
CA ILE A 300 -5.61 5.09 -5.04
C ILE A 300 -6.26 4.69 -6.34
N TYR A 301 -7.53 4.99 -6.52
CA TYR A 301 -8.19 4.65 -7.76
C TYR A 301 -8.70 5.85 -8.51
N LEU A 302 -8.12 6.09 -9.68
CA LEU A 302 -8.50 7.22 -10.54
C LEU A 302 -9.89 7.05 -11.13
N LEU A 303 -10.47 8.14 -11.60
CA LEU A 303 -11.81 8.07 -12.18
C LEU A 303 -11.89 9.13 -13.23
N ASP A 304 -11.79 8.73 -14.50
CA ASP A 304 -11.80 9.66 -15.64
C ASP A 304 -13.08 10.44 -15.71
N ALA A 305 -13.01 11.73 -15.31
CA ALA A 305 -14.18 12.59 -15.31
C ALA A 305 -14.11 13.66 -16.37
N THR A 306 -13.10 13.57 -17.23
CA THR A 306 -12.93 14.52 -18.31
C THR A 306 -14.23 14.66 -19.12
N ASP A 307 -14.69 13.56 -19.67
CA ASP A 307 -15.91 13.58 -20.46
C ASP A 307 -17.10 13.34 -19.54
N LEU A 308 -17.91 14.39 -19.32
CA LEU A 308 -19.06 14.28 -18.45
C LEU A 308 -20.22 13.49 -19.05
N SER A 309 -20.07 13.12 -20.32
CA SER A 309 -21.11 12.36 -20.97
C SER A 309 -20.82 10.88 -20.76
N GLN A 310 -19.78 10.59 -20.01
CA GLN A 310 -19.45 9.20 -19.75
C GLN A 310 -19.24 9.02 -18.27
N TRP A 311 -19.58 10.05 -17.50
CA TRP A 311 -19.40 10.01 -16.05
C TRP A 311 -20.06 8.80 -15.41
N ASP A 312 -21.31 8.53 -15.78
CA ASP A 312 -22.08 7.42 -15.23
C ASP A 312 -21.37 6.07 -15.33
N THR A 313 -20.63 5.89 -16.42
CA THR A 313 -19.89 4.66 -16.66
C THR A 313 -18.41 4.78 -16.24
N ASN A 314 -17.79 5.93 -16.53
CA ASN A 314 -16.38 6.14 -16.21
C ASN A 314 -16.08 6.53 -14.76
N ALA A 315 -17.10 6.99 -14.05
CA ALA A 315 -16.91 7.41 -12.66
C ALA A 315 -17.95 6.81 -11.71
N SER A 316 -19.21 6.84 -12.11
CA SER A 316 -20.28 6.31 -11.29
C SER A 316 -20.17 4.80 -11.15
N GLN A 317 -20.55 4.09 -12.22
CA GLN A 317 -20.51 2.62 -12.26
C GLN A 317 -19.21 2.09 -11.71
N ARG A 318 -18.10 2.61 -12.24
CA ARG A 318 -16.78 2.23 -11.81
C ARG A 318 -16.63 2.43 -10.29
N ALA A 319 -17.02 3.59 -9.77
CA ALA A 319 -16.90 3.87 -8.34
C ALA A 319 -17.62 2.86 -7.44
N ILE A 320 -18.88 2.59 -7.76
CA ILE A 320 -19.67 1.61 -7.02
C ILE A 320 -18.87 0.32 -6.93
N ALA A 321 -18.60 -0.28 -8.10
CA ALA A 321 -17.85 -1.54 -8.20
C ALA A 321 -16.66 -1.56 -7.25
N ILE A 322 -15.71 -0.65 -7.45
CA ILE A 322 -14.53 -0.57 -6.59
C ILE A 322 -14.95 -0.45 -5.13
N SER A 323 -15.80 0.51 -4.85
CA SER A 323 -16.29 0.75 -3.50
C SER A 323 -16.85 -0.51 -2.90
N ASN A 324 -17.55 -1.26 -3.74
CA ASN A 324 -18.17 -2.47 -3.30
C ASN A 324 -17.17 -3.43 -2.67
N ASP A 325 -16.31 -4.01 -3.50
CA ASP A 325 -15.31 -4.96 -3.01
C ASP A 325 -14.58 -4.43 -1.79
N PHE A 326 -14.44 -3.11 -1.73
CA PHE A 326 -13.74 -2.49 -0.62
C PHE A 326 -14.41 -2.78 0.69
N ILE A 327 -15.72 -2.56 0.70
CA ILE A 327 -16.52 -2.79 1.88
C ILE A 327 -16.74 -4.27 2.12
N SER A 328 -16.94 -4.99 1.02
CA SER A 328 -17.15 -6.43 1.07
C SER A 328 -15.88 -7.20 1.49
N ASN A 329 -14.87 -6.48 1.95
CA ASN A 329 -13.61 -7.10 2.36
C ASN A 329 -13.03 -8.05 1.32
N ARG A 330 -13.26 -7.74 0.05
CA ARG A 330 -12.76 -8.53 -1.07
C ARG A 330 -11.79 -7.66 -1.87
N PRO A 331 -10.58 -8.17 -2.14
CA PRO A 331 -9.59 -7.40 -2.90
C PRO A 331 -10.15 -6.96 -4.28
N ILE A 332 -9.99 -5.68 -4.60
CA ILE A 332 -10.49 -5.11 -5.85
C ILE A 332 -9.81 -5.66 -7.10
N LYS A 333 -10.55 -5.75 -8.21
CA LYS A 333 -9.97 -6.25 -9.46
C LYS A 333 -9.87 -5.16 -10.51
N GLN A 334 -10.25 -3.94 -10.13
CA GLN A 334 -10.21 -2.79 -11.03
C GLN A 334 -8.80 -2.38 -11.33
N GLU A 335 -8.55 -2.13 -12.60
CA GLU A 335 -7.21 -1.79 -13.02
C GLU A 335 -6.56 -0.61 -12.29
N ARG A 336 -7.29 0.03 -11.37
CA ARG A 336 -6.74 1.15 -10.61
C ARG A 336 -6.64 2.51 -11.34
N ALA A 337 -6.70 2.48 -12.67
CA ALA A 337 -6.62 3.70 -13.49
C ALA A 337 -6.72 3.39 -14.99
N PRO A 338 -7.68 4.01 -15.69
CA PRO A 338 -7.89 3.81 -17.13
C PRO A 338 -6.64 4.13 -17.95
N LYS A 339 -6.40 3.34 -19.00
CA LYS A 339 -5.23 3.52 -19.83
C LYS A 339 -5.01 4.98 -20.20
N ALA A 340 -6.11 5.71 -20.35
CA ALA A 340 -6.01 7.11 -20.69
C ALA A 340 -5.22 7.86 -19.63
N LEU A 341 -5.76 7.89 -18.41
CA LEU A 341 -5.10 8.57 -17.30
C LEU A 341 -4.22 7.55 -16.59
N GLU A 342 -3.17 7.08 -17.27
CA GLU A 342 -2.32 6.06 -16.69
C GLU A 342 -1.05 6.60 -16.06
N GLU A 343 -0.41 7.53 -16.75
CA GLU A 343 0.83 8.11 -16.25
C GLU A 343 0.65 8.83 -14.95
N LEU A 344 -0.58 9.27 -14.71
CA LEU A 344 -0.90 10.03 -13.52
C LEU A 344 -0.43 9.37 -12.23
N LEU A 345 -0.41 8.04 -12.21
CA LEU A 345 0.02 7.33 -11.01
C LEU A 345 1.48 6.91 -11.06
N SER A 346 2.12 7.01 -12.23
CA SER A 346 3.53 6.62 -12.43
C SER A 346 4.46 7.38 -11.50
N LYS A 347 5.47 6.70 -10.96
CA LYS A 347 6.40 7.36 -10.04
C LYS A 347 6.89 8.69 -10.61
N GLY A 348 7.06 8.74 -11.92
CA GLY A 348 7.53 9.94 -12.57
C GLY A 348 6.62 11.14 -12.47
N GLU A 349 5.32 10.90 -12.51
CA GLU A 349 4.34 11.96 -12.42
C GLU A 349 3.86 12.22 -10.99
N THR A 350 4.57 11.62 -10.03
CA THR A 350 4.25 11.76 -8.61
C THR A 350 5.49 11.89 -7.73
N THR A 351 5.87 10.80 -7.08
CA THR A 351 7.02 10.81 -6.20
C THR A 351 8.26 11.44 -6.79
N MET A 352 8.47 11.20 -8.07
CA MET A 352 9.63 11.74 -8.78
C MET A 352 9.73 13.27 -8.67
N LYS A 353 8.59 13.94 -8.61
CA LYS A 353 8.57 15.39 -8.52
C LYS A 353 8.96 15.89 -7.14
N LYS A 354 9.16 14.96 -6.22
CA LYS A 354 9.53 15.33 -4.86
C LYS A 354 10.94 15.90 -4.75
N LEU A 355 11.27 16.45 -3.59
CA LEU A 355 12.59 17.00 -3.38
C LEU A 355 13.36 16.04 -2.49
N ASP A 356 14.61 15.75 -2.80
CA ASP A 356 15.41 14.84 -1.96
C ASP A 356 16.75 15.41 -1.54
N ASP A 357 17.25 16.40 -2.29
CA ASP A 357 18.51 17.02 -1.96
C ASP A 357 18.22 18.31 -1.19
N TRP A 358 18.50 18.30 0.12
CA TRP A 358 18.21 19.46 0.97
C TRP A 358 19.41 20.32 1.31
N THR A 359 20.58 19.92 0.84
CA THR A 359 21.77 20.68 1.12
C THR A 359 21.56 22.14 0.70
N HIS A 360 21.76 23.07 1.64
CA HIS A 360 21.60 24.49 1.35
C HIS A 360 22.74 25.05 0.51
N TYR A 361 22.52 26.22 -0.07
CA TYR A 361 23.53 26.89 -0.90
C TYR A 361 23.26 28.37 -0.77
N THR A 362 24.29 29.20 -0.76
CA THR A 362 24.08 30.64 -0.65
C THR A 362 24.79 31.39 -1.74
N CYS A 363 24.10 32.34 -2.36
CA CYS A 363 24.73 33.14 -3.40
C CYS A 363 25.21 34.42 -2.72
N ASN A 364 26.46 34.79 -2.97
CA ASN A 364 27.06 35.98 -2.35
C ASN A 364 26.93 37.19 -3.26
N VAL A 365 26.44 36.97 -4.46
CA VAL A 365 26.28 38.07 -5.39
C VAL A 365 24.83 38.42 -5.63
N CYS A 366 23.94 37.80 -4.87
CA CYS A 366 22.50 38.01 -5.00
C CYS A 366 21.75 38.17 -3.65
N ARG A 367 20.76 39.04 -3.63
CA ARG A 367 19.98 39.23 -2.41
C ARG A 367 18.65 39.89 -2.76
N ASN A 368 17.63 39.54 -2.00
CA ASN A 368 16.28 40.07 -2.20
C ASN A 368 16.10 41.40 -1.47
N ALA A 369 14.87 41.89 -1.41
CA ALA A 369 14.61 43.14 -0.73
C ALA A 369 15.01 43.06 0.75
N ASP A 370 14.71 41.94 1.39
CA ASP A 370 15.04 41.77 2.81
C ASP A 370 16.53 41.93 3.09
N GLY A 371 17.31 42.15 2.04
CA GLY A 371 18.73 42.31 2.24
C GLY A 371 19.46 40.97 2.21
N LYS A 372 18.86 39.95 2.82
CA LYS A 372 19.46 38.61 2.87
C LYS A 372 19.90 38.09 1.49
N ASN A 373 20.92 37.23 1.46
CA ASN A 373 21.41 36.66 0.19
C ASN A 373 20.48 35.52 -0.15
N VAL A 374 20.41 35.17 -1.42
CA VAL A 374 19.52 34.11 -1.87
C VAL A 374 19.92 32.78 -1.27
N VAL A 375 18.94 31.94 -0.97
CA VAL A 375 19.26 30.66 -0.39
C VAL A 375 18.61 29.53 -1.19
N ALA A 376 19.41 28.83 -1.96
CA ALA A 376 18.89 27.72 -2.75
C ALA A 376 18.88 26.46 -1.91
N ILE A 377 17.98 25.54 -2.23
CA ILE A 377 17.90 24.31 -1.49
C ILE A 377 17.93 23.15 -2.46
N GLY A 378 19.09 22.52 -2.61
CA GLY A 378 19.19 21.40 -3.51
C GLY A 378 19.99 21.67 -4.77
N GLU A 379 20.90 20.75 -5.07
CA GLU A 379 21.73 20.87 -6.25
C GLU A 379 20.89 21.27 -7.44
N LYS A 380 19.88 20.47 -7.74
CA LYS A 380 19.01 20.76 -8.88
C LYS A 380 18.65 22.22 -9.01
N TYR A 381 18.23 22.81 -7.89
CA TYR A 381 17.82 24.19 -7.91
C TYR A 381 18.96 25.18 -7.74
N TRP A 382 20.00 24.76 -7.04
CA TRP A 382 21.13 25.67 -6.84
C TRP A 382 21.72 25.99 -8.19
N LYS A 383 21.64 25.01 -9.09
CA LYS A 383 22.17 25.20 -10.42
C LYS A 383 21.23 26.07 -11.23
N ILE A 384 19.96 26.06 -10.86
CA ILE A 384 19.00 26.86 -11.59
C ILE A 384 19.28 28.32 -11.33
N HIS A 385 19.44 28.68 -10.06
CA HIS A 385 19.71 30.04 -9.70
C HIS A 385 20.94 30.55 -10.43
N LEU A 386 22.00 29.74 -10.40
CA LEU A 386 23.24 30.12 -11.05
C LEU A 386 23.05 30.38 -12.52
N GLY A 387 21.86 30.15 -13.05
CA GLY A 387 21.70 30.40 -14.46
C GLY A 387 20.57 31.37 -14.74
N SER A 388 19.89 31.80 -13.70
CA SER A 388 18.78 32.71 -13.88
C SER A 388 19.28 34.07 -14.29
N ARG A 389 18.43 34.81 -15.00
CA ARG A 389 18.81 36.12 -15.47
C ARG A 389 19.26 36.94 -14.28
N ARG A 390 18.53 36.80 -13.18
CA ARG A 390 18.83 37.52 -11.97
C ARG A 390 20.31 37.44 -11.67
N HIS A 391 20.78 36.20 -11.49
CA HIS A 391 22.17 35.92 -11.18
C HIS A 391 23.04 36.45 -12.32
N LYS A 392 22.66 36.13 -13.54
CA LYS A 392 23.45 36.57 -14.69
C LYS A 392 23.67 38.07 -14.69
N SER A 393 22.64 38.83 -14.33
CA SER A 393 22.76 40.28 -14.32
C SER A 393 23.61 40.75 -13.15
N ASN A 394 23.29 40.31 -11.95
CA ASN A 394 24.08 40.72 -10.80
C ASN A 394 25.53 40.31 -10.99
N LEU A 395 25.75 39.19 -11.65
CA LEU A 395 27.10 38.71 -11.85
C LEU A 395 27.80 39.51 -12.95
N LYS A 396 27.02 40.01 -13.90
CA LYS A 396 27.56 40.82 -14.98
C LYS A 396 27.90 42.24 -14.51
N ARG A 397 26.94 42.91 -13.88
CA ARG A 397 27.14 44.28 -13.40
C ARG A 397 28.10 44.25 -12.21
N ASN A 398 28.53 43.05 -11.86
CA ASN A 398 29.46 42.88 -10.75
C ASN A 398 30.87 42.92 -11.30
N THR A 399 31.16 42.06 -12.27
CA THR A 399 32.50 42.02 -12.86
C THR A 399 32.86 43.39 -13.49
N ARG A 400 31.85 44.14 -13.94
CA ARG A 400 32.04 45.47 -14.52
C ARG A 400 32.43 46.51 -13.47
N GLN A 401 31.58 46.67 -12.45
CA GLN A 401 31.85 47.63 -11.37
C GLN A 401 32.88 47.07 -10.39
N ALA A 402 33.76 46.22 -10.90
CA ALA A 402 34.79 45.64 -10.07
C ALA A 402 36.04 45.47 -10.92
N ASP A 403 35.87 45.65 -12.23
CA ASP A 403 36.99 45.54 -13.18
C ASP A 403 37.66 46.92 -13.40
N PHE A 404 36.99 47.99 -12.98
CA PHE A 404 37.53 49.34 -13.10
C PHE A 404 38.72 49.48 -12.16
N GLU A 405 38.66 48.74 -11.04
CA GLU A 405 39.75 48.74 -10.08
C GLU A 405 40.93 48.04 -10.75
N LYS A 406 40.62 47.05 -11.59
CA LYS A 406 41.62 46.27 -12.32
C LYS A 406 42.20 47.10 -13.47
N TRP A 407 41.64 48.30 -13.66
CA TRP A 407 42.08 49.23 -14.70
C TRP A 407 42.91 50.35 -14.08
N LYS A 408 42.45 50.88 -12.96
CA LYS A 408 43.15 51.95 -12.25
C LYS A 408 44.63 51.61 -12.13
N ILE A 409 44.92 50.32 -12.01
CA ILE A 409 46.30 49.83 -11.89
C ILE A 409 46.63 48.74 -12.94
P 6IA B 35 -6.75 25.93 1.58
OP1 6IA B 35 -7.35 26.86 2.56
OP2 6IA B 35 -7.65 25.11 0.72
O5' 6IA B 35 -5.72 26.77 0.70
C5' 6IA B 35 -5.97 27.03 -0.68
C4' 6IA B 35 -6.04 28.52 -0.90
O4' 6IA B 35 -7.27 28.81 -1.60
C3' 6IA B 35 -6.13 29.33 0.37
O3' 6IA B 35 -5.02 30.16 0.69
C2' 6IA B 35 -7.59 29.65 0.63
O2' 6IA B 35 -7.85 31.00 0.97
C1' 6IA B 35 -8.22 29.44 -0.74
N9 6IA B 35 -9.40 28.58 -0.72
C8 6IA B 35 -9.76 27.64 0.22
N7 6IA B 35 -10.86 26.99 -0.07
C5 6IA B 35 -11.27 27.56 -1.28
C6 6IA B 35 -12.36 27.30 -2.13
N6 6IA B 35 -13.28 26.34 -1.90
N1 6IA B 35 -12.47 28.05 -3.26
C2 6IA B 35 -11.53 28.99 -3.49
N3 6IA B 35 -10.45 29.31 -2.77
C4 6IA B 35 -10.38 28.55 -1.67
C12 6IA B 35 -14.03 25.71 -2.94
C13 6IA B 35 -14.98 26.52 -3.59
C14 6IA B 35 -15.12 26.42 -5.00
C15 6IA B 35 -14.24 25.46 -5.81
C16 6IA B 35 -16.16 27.31 -5.70
N SER C 1 11.40 2.68 14.01
CA SER C 1 11.10 2.36 12.58
C SER C 1 11.53 0.95 12.20
N LYS C 2 10.93 -0.06 12.82
CA LYS C 2 11.28 -1.45 12.54
C LYS C 2 11.12 -1.77 11.06
N LYS C 3 12.18 -1.62 10.28
CA LYS C 3 12.16 -1.91 8.84
C LYS C 3 12.60 -3.36 8.55
N VAL C 4 12.08 -3.94 7.47
CA VAL C 4 12.46 -5.30 7.17
C VAL C 4 12.46 -5.50 5.67
N ILE C 5 13.56 -6.03 5.13
CA ILE C 5 13.65 -6.26 3.70
C ILE C 5 13.38 -7.71 3.40
N VAL C 6 12.45 -7.97 2.48
CA VAL C 6 12.07 -9.33 2.07
C VAL C 6 12.34 -9.62 0.58
N ILE C 7 13.04 -10.70 0.28
CA ILE C 7 13.32 -11.03 -1.11
C ILE C 7 12.53 -12.26 -1.54
N ALA C 8 11.61 -12.07 -2.48
CA ALA C 8 10.78 -13.16 -2.96
C ALA C 8 11.09 -13.54 -4.40
N GLY C 9 10.82 -14.81 -4.69
CA GLY C 9 11.07 -15.32 -6.03
C GLY C 9 11.45 -16.79 -6.14
N THR C 10 11.54 -17.23 -7.38
CA THR C 10 11.91 -18.60 -7.68
C THR C 10 13.40 -18.77 -7.57
N THR C 11 13.83 -20.00 -7.31
CA THR C 11 15.25 -20.29 -7.18
C THR C 11 15.92 -20.33 -8.58
N GLY C 12 16.97 -19.55 -8.75
CA GLY C 12 17.62 -19.57 -10.05
C GLY C 12 17.79 -18.17 -10.57
N VAL C 13 17.55 -17.22 -9.67
CA VAL C 13 17.67 -15.78 -9.96
C VAL C 13 18.77 -15.14 -9.12
N GLY C 14 19.01 -15.65 -7.90
CA GLY C 14 20.08 -15.09 -7.09
C GLY C 14 19.68 -14.51 -5.77
N LYS C 15 18.54 -14.93 -5.23
CA LYS C 15 18.11 -14.42 -3.95
C LYS C 15 19.22 -14.53 -2.90
N SER C 16 19.71 -15.75 -2.67
CA SER C 16 20.75 -16.00 -1.67
C SER C 16 22.07 -15.34 -2.08
N GLN C 17 22.03 -14.61 -3.19
CA GLN C 17 23.22 -13.94 -3.68
C GLN C 17 23.02 -12.44 -3.45
N LEU C 18 21.79 -11.98 -3.61
CA LEU C 18 21.47 -10.57 -3.41
C LEU C 18 21.41 -10.29 -1.93
N SER C 19 20.85 -11.24 -1.19
CA SER C 19 20.70 -11.11 0.25
C SER C 19 22.05 -10.84 0.92
N ILE C 20 23.14 -11.08 0.17
CA ILE C 20 24.51 -10.87 0.65
C ILE C 20 24.91 -9.39 0.43
N GLN C 21 24.61 -8.87 -0.76
CA GLN C 21 24.93 -7.49 -1.12
C GLN C 21 24.09 -6.58 -0.25
N LEU C 22 22.80 -6.83 -0.20
CA LEU C 22 21.90 -6.01 0.61
C LEU C 22 22.11 -6.28 2.09
N ALA C 23 23.20 -6.96 2.43
CA ALA C 23 23.47 -7.28 3.82
C ALA C 23 24.45 -6.30 4.44
N GLN C 24 25.70 -6.35 3.98
CA GLN C 24 26.69 -5.46 4.52
C GLN C 24 26.45 -4.05 4.04
N LYS C 25 25.97 -3.93 2.80
CA LYS C 25 25.68 -2.62 2.20
C LYS C 25 24.70 -1.81 3.06
N PHE C 26 23.93 -2.52 3.89
CA PHE C 26 22.97 -1.86 4.76
C PHE C 26 22.92 -2.52 6.12
N ASN C 27 24.03 -3.09 6.58
CA ASN C 27 24.09 -3.75 7.89
C ASN C 27 22.85 -4.60 8.23
N GLY C 28 22.87 -5.87 7.85
CA GLY C 28 21.72 -6.71 8.15
C GLY C 28 22.02 -8.20 8.28
N GLU C 29 21.10 -8.89 8.95
CA GLU C 29 21.20 -10.33 9.17
C GLU C 29 20.13 -10.98 8.29
N VAL C 30 20.52 -11.97 7.49
CA VAL C 30 19.57 -12.63 6.60
C VAL C 30 18.85 -13.80 7.23
N ILE C 31 17.53 -13.76 7.21
CA ILE C 31 16.73 -14.86 7.76
C ILE C 31 16.36 -15.80 6.62
N ASN C 32 16.09 -17.07 6.90
CA ASN C 32 15.74 -18.03 5.84
C ASN C 32 14.25 -18.35 5.80
N SER C 33 13.81 -18.89 4.67
CA SER C 33 12.42 -19.24 4.50
C SER C 33 12.25 -20.41 3.53
N ASP C 34 13.05 -21.44 3.75
CA ASP C 34 12.98 -22.62 2.92
C ASP C 34 12.73 -23.82 3.82
N SER C 35 11.59 -24.49 3.62
CA SER C 35 11.25 -25.68 4.41
C SER C 35 12.20 -26.84 4.06
N MET C 36 13.47 -26.50 3.79
CA MET C 36 14.51 -27.47 3.44
C MET C 36 15.86 -27.06 4.06
N GLN C 37 16.37 -25.89 3.69
CA GLN C 37 17.66 -25.41 4.21
C GLN C 37 17.79 -25.51 5.73
N VAL C 38 16.65 -25.58 6.42
CA VAL C 38 16.64 -25.66 7.88
C VAL C 38 17.22 -26.98 8.40
N TYR C 39 17.25 -27.99 7.53
CA TYR C 39 17.76 -29.30 7.92
C TYR C 39 19.29 -29.37 7.88
N LYS C 40 19.87 -29.80 9.00
CA LYS C 40 21.32 -29.94 9.16
C LYS C 40 22.10 -30.21 7.87
N ASP C 41 23.17 -29.43 7.70
CA ASP C 41 24.03 -29.50 6.55
C ASP C 41 23.33 -29.93 5.27
N ILE C 42 23.83 -31.01 4.68
CA ILE C 42 23.31 -31.56 3.44
C ILE C 42 22.98 -30.46 2.41
N PRO C 43 23.94 -29.54 2.14
CA PRO C 43 23.74 -28.44 1.19
C PRO C 43 23.58 -28.96 -0.24
N ILE C 44 24.03 -28.17 -1.22
CA ILE C 44 23.96 -28.57 -2.61
C ILE C 44 22.55 -28.93 -3.09
N ILE C 45 22.08 -30.13 -2.72
CA ILE C 45 20.75 -30.60 -3.11
C ILE C 45 19.66 -29.77 -2.46
N THR C 46 19.97 -29.16 -1.31
CA THR C 46 19.01 -28.33 -0.62
C THR C 46 19.28 -26.85 -0.92
N ASN C 47 20.28 -26.60 -1.77
CA ASN C 47 20.68 -25.27 -2.20
C ASN C 47 21.03 -24.35 -1.04
N LYS C 48 22.24 -23.79 -1.11
CA LYS C 48 22.72 -22.89 -0.08
C LYS C 48 24.21 -22.57 -0.31
N HIS C 49 24.47 -21.64 -1.22
CA HIS C 49 25.84 -21.23 -1.55
C HIS C 49 26.82 -21.38 -0.38
N PRO C 50 28.01 -21.95 -0.64
CA PRO C 50 29.03 -22.17 0.39
C PRO C 50 29.18 -21.06 1.45
N LEU C 51 29.41 -21.47 2.69
CA LEU C 51 29.56 -20.52 3.78
C LEU C 51 30.53 -19.41 3.43
N GLN C 52 31.61 -19.76 2.76
CA GLN C 52 32.61 -18.76 2.40
C GLN C 52 32.10 -17.82 1.30
N GLU C 53 30.79 -17.56 1.33
CA GLU C 53 30.16 -16.66 0.38
C GLU C 53 29.00 -15.92 1.02
N ARG C 54 28.82 -16.12 2.33
CA ARG C 54 27.75 -15.45 3.08
C ARG C 54 28.32 -14.14 3.65
N GLU C 55 29.53 -13.81 3.21
CA GLU C 55 30.24 -12.61 3.65
C GLU C 55 30.14 -12.35 5.13
N GLY C 56 30.13 -13.43 5.89
CA GLY C 56 30.05 -13.32 7.32
C GLY C 56 28.75 -12.70 7.82
N ILE C 57 27.68 -12.81 7.04
CA ILE C 57 26.41 -12.25 7.48
C ILE C 57 25.59 -13.29 8.21
N PRO C 58 25.53 -13.20 9.56
CA PRO C 58 24.79 -14.14 10.40
C PRO C 58 23.37 -14.48 9.93
N HIS C 59 23.21 -15.69 9.41
CA HIS C 59 21.91 -16.14 8.94
C HIS C 59 21.09 -16.68 10.10
N HIS C 60 19.78 -16.73 9.92
CA HIS C 60 18.87 -17.21 10.96
C HIS C 60 17.80 -18.18 10.46
N VAL C 61 17.29 -18.98 11.39
CA VAL C 61 16.27 -19.98 11.11
C VAL C 61 16.65 -20.85 9.92
N MET C 62 17.84 -21.43 9.96
CA MET C 62 18.31 -22.30 8.87
C MET C 62 19.50 -23.16 9.29
N ASN C 63 19.57 -24.36 8.72
CA ASN C 63 20.64 -25.32 8.99
C ASN C 63 20.74 -25.56 10.49
N HIS C 64 19.78 -26.30 11.05
CA HIS C 64 19.81 -26.59 12.50
C HIS C 64 18.84 -27.70 12.85
N VAL C 65 17.77 -27.81 12.08
CA VAL C 65 16.77 -28.83 12.35
C VAL C 65 17.28 -30.21 11.93
N ASP C 66 17.10 -31.18 12.82
CA ASP C 66 17.55 -32.56 12.60
C ASP C 66 16.68 -33.35 11.61
N TRP C 67 17.36 -34.15 10.80
CA TRP C 67 16.70 -34.96 9.79
C TRP C 67 15.45 -35.69 10.31
N SER C 68 15.61 -36.46 11.38
CA SER C 68 14.49 -37.21 11.96
C SER C 68 13.50 -36.30 12.68
N GLU C 69 13.11 -35.22 12.02
CA GLU C 69 12.16 -34.27 12.60
C GLU C 69 11.27 -33.65 11.53
N GLU C 70 10.24 -32.93 11.98
CA GLU C 70 9.28 -32.31 11.07
C GLU C 70 9.22 -30.79 11.32
N TYR C 71 9.16 -30.03 10.24
CA TYR C 71 9.11 -28.58 10.31
C TYR C 71 7.75 -28.07 9.85
N TYR C 72 7.02 -27.45 10.77
CA TYR C 72 5.69 -26.92 10.49
C TYR C 72 5.65 -25.38 10.50
N SER C 73 4.48 -24.80 10.17
CA SER C 73 4.28 -23.36 10.14
C SER C 73 4.63 -22.70 11.46
N HIS C 74 4.00 -23.15 12.53
CA HIS C 74 4.24 -22.60 13.84
C HIS C 74 5.74 -22.49 14.14
N ARG C 75 6.48 -23.57 13.92
CA ARG C 75 7.92 -23.60 14.17
C ARG C 75 8.55 -22.32 13.64
N PHE C 76 8.39 -22.07 12.34
CA PHE C 76 8.94 -20.88 11.72
C PHE C 76 8.31 -19.65 12.36
N GLU C 77 7.01 -19.73 12.61
CA GLU C 77 6.28 -18.62 13.19
C GLU C 77 6.99 -18.02 14.38
N THR C 78 7.66 -18.87 15.16
CA THR C 78 8.37 -18.40 16.34
C THR C 78 9.85 -18.25 16.08
N GLU C 79 10.45 -19.24 15.43
CA GLU C 79 11.88 -19.19 15.14
C GLU C 79 12.26 -17.96 14.31
N CYS C 80 11.39 -17.60 13.38
CA CYS C 80 11.61 -16.43 12.54
C CYS C 80 11.33 -15.15 13.34
N MET C 81 10.12 -15.06 13.88
CA MET C 81 9.71 -13.90 14.66
C MET C 81 10.79 -13.63 15.70
N ASN C 82 11.48 -14.68 16.11
CA ASN C 82 12.53 -14.58 17.11
C ASN C 82 13.82 -14.01 16.52
N ALA C 83 14.25 -14.53 15.38
CA ALA C 83 15.46 -14.04 14.77
C ALA C 83 15.34 -12.53 14.55
N ILE C 84 14.15 -12.10 14.13
CA ILE C 84 13.90 -10.68 13.87
C ILE C 84 14.18 -9.90 15.14
N GLU C 85 13.86 -10.51 16.27
CA GLU C 85 14.06 -9.88 17.57
C GLU C 85 15.52 -9.49 17.72
N ASP C 86 16.35 -10.52 17.85
CA ASP C 86 17.78 -10.34 18.01
C ASP C 86 18.37 -9.36 17.00
N ILE C 87 18.08 -9.57 15.72
CA ILE C 87 18.60 -8.70 14.67
C ILE C 87 18.21 -7.24 14.88
N HIS C 88 17.00 -7.04 15.39
CA HIS C 88 16.48 -5.71 15.64
C HIS C 88 17.15 -5.03 16.83
N ARG C 89 17.10 -5.69 17.98
CA ARG C 89 17.70 -5.16 19.20
C ARG C 89 19.22 -5.06 19.05
N ARG C 90 19.71 -5.15 17.82
CA ARG C 90 21.15 -5.05 17.56
C ARG C 90 21.43 -4.05 16.45
N GLY C 91 20.54 -3.08 16.30
CA GLY C 91 20.71 -2.04 15.29
C GLY C 91 20.93 -2.55 13.88
N LYS C 92 20.59 -3.80 13.65
CA LYS C 92 20.75 -4.40 12.35
C LYS C 92 19.41 -4.63 11.71
N ILE C 93 19.39 -4.54 10.38
CA ILE C 93 18.16 -4.70 9.61
C ILE C 93 17.97 -6.13 9.06
N PRO C 94 16.86 -6.80 9.45
CA PRO C 94 16.56 -8.17 9.01
C PRO C 94 16.30 -8.27 7.50
N ILE C 95 16.70 -9.38 6.89
CA ILE C 95 16.47 -9.60 5.45
C ILE C 95 15.89 -11.00 5.22
N VAL C 96 14.57 -11.13 5.29
CA VAL C 96 13.89 -12.41 5.08
C VAL C 96 13.90 -12.86 3.61
N VAL C 97 14.55 -14.00 3.36
CA VAL C 97 14.65 -14.58 2.03
C VAL C 97 14.09 -15.98 2.07
N GLY C 98 13.27 -16.36 1.08
CA GLY C 98 12.76 -17.70 1.13
C GLY C 98 11.83 -18.06 0.01
N GLY C 99 11.72 -19.36 -0.26
CA GLY C 99 10.89 -19.86 -1.32
C GLY C 99 9.48 -20.20 -0.86
N THR C 100 9.35 -20.68 0.37
CA THR C 100 8.04 -21.01 0.90
C THR C 100 7.35 -19.70 1.27
N HIS C 101 6.81 -19.01 0.26
CA HIS C 101 6.17 -17.73 0.49
C HIS C 101 4.94 -17.79 1.39
N TYR C 102 4.51 -19.00 1.74
CA TYR C 102 3.36 -19.11 2.62
C TYR C 102 3.76 -18.54 3.96
N TYR C 103 4.99 -18.85 4.34
CA TYR C 103 5.55 -18.43 5.62
C TYR C 103 5.66 -16.92 5.76
N LEU C 104 5.61 -16.21 4.63
CA LEU C 104 5.67 -14.75 4.65
C LEU C 104 4.44 -14.15 5.33
N GLN C 105 3.40 -14.98 5.52
CA GLN C 105 2.20 -14.50 6.17
C GLN C 105 2.46 -14.17 7.64
N THR C 106 3.61 -14.60 8.12
CA THR C 106 3.96 -14.33 9.50
C THR C 106 4.39 -12.87 9.67
N LEU C 107 5.08 -12.33 8.66
CA LEU C 107 5.58 -10.96 8.69
C LEU C 107 4.47 -9.92 8.78
N PHE C 108 3.23 -10.40 8.87
CA PHE C 108 2.10 -9.51 8.98
C PHE C 108 0.87 -10.22 9.52
N ASN C 109 0.02 -9.45 10.21
CA ASN C 109 -1.22 -9.96 10.81
C ASN C 109 -2.02 -10.81 9.87
N LYS C 110 -2.06 -12.10 10.16
CA LYS C 110 -2.79 -13.06 9.34
C LYS C 110 -2.89 -14.40 10.06
N ARG C 111 -2.20 -14.51 11.19
CA ARG C 111 -2.21 -15.74 11.98
C ARG C 111 -3.28 -15.74 13.06
N VAL C 112 -3.81 -16.92 13.37
CA VAL C 112 -4.83 -17.06 14.40
C VAL C 112 -4.21 -17.65 15.66
N ASP C 113 -4.16 -16.83 16.73
CA ASP C 113 -3.59 -17.25 18.01
C ASP C 113 -4.42 -18.39 18.60
N THR C 114 -3.78 -19.50 18.96
CA THR C 114 -4.50 -20.62 19.54
C THR C 114 -3.68 -21.37 20.58
N LYS C 115 -3.43 -20.69 21.70
CA LYS C 115 -2.66 -21.27 22.79
C LYS C 115 -3.02 -20.64 24.13
N SER C 116 -3.28 -19.33 24.11
CA SER C 116 -3.64 -18.57 25.31
C SER C 116 -5.01 -18.96 25.84
N SER C 117 -5.75 -19.76 25.08
CA SER C 117 -7.08 -20.19 25.49
C SER C 117 -7.06 -21.64 26.02
N GLU C 118 -7.87 -21.90 27.06
CA GLU C 118 -7.96 -23.23 27.65
C GLU C 118 -9.36 -23.83 27.52
N ARG C 119 -9.99 -23.60 26.37
CA ARG C 119 -11.34 -24.10 26.11
C ARG C 119 -11.34 -25.63 26.21
N LYS C 120 -11.77 -26.14 27.36
CA LYS C 120 -11.83 -27.58 27.61
C LYS C 120 -12.46 -28.34 26.43
N LEU C 121 -11.60 -28.83 25.54
CA LEU C 121 -12.08 -29.58 24.39
C LEU C 121 -12.81 -30.85 24.84
N THR C 122 -14.06 -30.69 25.22
CA THR C 122 -14.87 -31.82 25.67
C THR C 122 -14.71 -33.04 24.75
N ARG C 123 -15.02 -34.23 25.28
CA ARG C 123 -14.94 -35.49 24.53
C ARG C 123 -15.76 -35.41 23.25
N LYS C 124 -17.00 -34.93 23.37
CA LYS C 124 -17.93 -34.78 22.24
C LYS C 124 -17.36 -33.92 21.11
N GLN C 125 -16.60 -32.88 21.48
CA GLN C 125 -15.98 -31.98 20.50
C GLN C 125 -14.81 -32.66 19.79
N LEU C 126 -13.94 -33.30 20.56
CA LEU C 126 -12.79 -34.00 19.99
C LEU C 126 -13.24 -35.10 19.06
N ASP C 127 -14.20 -35.92 19.50
CA ASP C 127 -14.70 -37.01 18.66
C ASP C 127 -15.06 -36.50 17.27
N ILE C 128 -15.63 -35.31 17.21
CA ILE C 128 -16.02 -34.70 15.93
C ILE C 128 -14.77 -34.21 15.19
N LEU C 129 -13.82 -33.67 15.95
CA LEU C 129 -12.59 -33.15 15.36
C LEU C 129 -11.71 -34.31 14.83
N GLU C 130 -11.42 -35.26 15.70
CA GLU C 130 -10.59 -36.40 15.33
C GLU C 130 -11.41 -37.52 14.70
N SER C 131 -12.37 -37.17 13.85
CA SER C 131 -13.21 -38.18 13.20
C SER C 131 -12.53 -38.71 11.94
N THR C 132 -12.85 -39.94 11.55
CA THR C 132 -12.25 -40.57 10.38
C THR C 132 -12.92 -40.14 9.08
N ASP C 133 -14.20 -39.76 9.18
CA ASP C 133 -14.96 -39.34 8.02
C ASP C 133 -14.86 -37.81 7.82
N PRO C 134 -14.51 -37.38 6.59
CA PRO C 134 -14.36 -35.98 6.22
C PRO C 134 -15.64 -35.16 6.11
N ASP C 135 -16.74 -35.78 5.68
CA ASP C 135 -18.01 -35.07 5.54
C ASP C 135 -18.72 -34.82 6.88
N VAL C 136 -18.49 -35.69 7.86
CA VAL C 136 -19.14 -35.50 9.15
C VAL C 136 -18.52 -34.31 9.88
N ILE C 137 -17.21 -34.13 9.71
CA ILE C 137 -16.49 -33.03 10.35
C ILE C 137 -16.77 -31.72 9.63
N TYR C 138 -17.23 -31.84 8.39
CA TYR C 138 -17.55 -30.68 7.58
C TYR C 138 -18.95 -30.18 7.93
N ASN C 139 -19.93 -31.09 7.95
CA ASN C 139 -21.30 -30.71 8.27
C ASN C 139 -21.38 -30.01 9.59
N THR C 140 -20.48 -30.37 10.47
CA THR C 140 -20.42 -29.74 11.77
C THR C 140 -20.08 -28.25 11.59
N LEU C 141 -19.14 -27.99 10.70
CA LEU C 141 -18.72 -26.62 10.45
C LEU C 141 -19.83 -25.87 9.71
N VAL C 142 -20.53 -26.57 8.81
CA VAL C 142 -21.61 -25.95 8.07
C VAL C 142 -22.66 -25.33 8.98
N LYS C 143 -22.98 -26.03 10.07
CA LYS C 143 -23.95 -25.56 11.07
C LYS C 143 -23.42 -24.31 11.73
N CYS C 144 -22.47 -24.49 12.63
CA CYS C 144 -21.87 -23.37 13.35
C CYS C 144 -20.92 -22.61 12.42
N ASP C 145 -21.37 -21.46 11.90
CA ASP C 145 -20.58 -20.62 10.98
C ASP C 145 -20.58 -21.16 9.55
N PRO C 146 -21.74 -21.10 8.86
CA PRO C 146 -21.84 -21.59 7.49
C PRO C 146 -21.11 -20.66 6.53
N ASP C 147 -20.74 -19.47 7.02
CA ASP C 147 -20.03 -18.51 6.19
C ASP C 147 -18.71 -19.12 5.71
N ILE C 148 -17.78 -19.29 6.65
CA ILE C 148 -16.47 -19.86 6.36
C ILE C 148 -16.64 -21.23 5.74
N ALA C 149 -17.76 -21.86 6.06
CA ALA C 149 -18.03 -23.18 5.53
C ALA C 149 -18.02 -23.22 4.02
N THR C 150 -18.46 -22.15 3.38
CA THR C 150 -18.50 -22.16 1.92
C THR C 150 -17.16 -21.89 1.28
N LYS C 151 -16.31 -21.16 2.00
CA LYS C 151 -15.00 -20.80 1.49
C LYS C 151 -14.11 -22.01 1.30
N TYR C 152 -14.61 -23.18 1.71
CA TYR C 152 -13.86 -24.41 1.56
C TYR C 152 -14.68 -25.53 0.94
N HIS C 153 -13.98 -26.59 0.56
CA HIS C 153 -14.60 -27.75 -0.06
C HIS C 153 -14.77 -28.86 0.99
N PRO C 154 -15.87 -29.60 0.90
CA PRO C 154 -16.16 -30.68 1.84
C PRO C 154 -15.13 -31.81 1.88
N ASN C 155 -14.09 -31.71 1.07
CA ASN C 155 -13.05 -32.73 1.06
C ASN C 155 -11.74 -32.18 1.59
N ASP C 156 -11.73 -30.88 1.86
CA ASP C 156 -10.55 -30.17 2.37
C ASP C 156 -10.36 -30.51 3.85
N TYR C 157 -9.85 -31.71 4.10
CA TYR C 157 -9.62 -32.19 5.44
C TYR C 157 -8.94 -31.13 6.30
N ARG C 158 -7.63 -31.00 6.10
CA ARG C 158 -6.80 -30.06 6.84
C ARG C 158 -7.43 -28.70 7.08
N ARG C 159 -8.11 -28.20 6.07
CA ARG C 159 -8.74 -26.89 6.13
C ARG C 159 -9.96 -26.86 7.03
N VAL C 160 -11.00 -27.60 6.64
CA VAL C 160 -12.24 -27.65 7.40
C VAL C 160 -11.95 -27.94 8.87
N GLN C 161 -11.11 -28.95 9.12
CA GLN C 161 -10.72 -29.35 10.46
C GLN C 161 -10.07 -28.20 11.24
N ARG C 162 -9.25 -27.43 10.55
CA ARG C 162 -8.57 -26.29 11.15
C ARG C 162 -9.55 -25.20 11.55
N MET C 163 -10.55 -24.96 10.70
CA MET C 163 -11.55 -23.93 10.98
C MET C 163 -12.42 -24.26 12.18
N LEU C 164 -12.86 -25.52 12.26
CA LEU C 164 -13.71 -25.96 13.35
C LEU C 164 -12.97 -25.87 14.67
N GLU C 165 -11.70 -26.28 14.66
CA GLU C 165 -10.89 -26.24 15.87
C GLU C 165 -10.80 -24.81 16.37
N ILE C 166 -10.80 -23.84 15.45
CA ILE C 166 -10.72 -22.44 15.81
C ILE C 166 -12.02 -21.96 16.45
N TYR C 167 -13.13 -22.44 15.91
CA TYR C 167 -14.45 -22.10 16.43
C TYR C 167 -14.58 -22.67 17.84
N TYR C 168 -14.15 -23.92 18.02
CA TYR C 168 -14.23 -24.56 19.31
C TYR C 168 -13.33 -23.93 20.36
N LYS C 169 -12.03 -23.90 20.10
CA LYS C 169 -11.08 -23.33 21.05
C LYS C 169 -11.25 -21.85 21.37
N THR C 170 -11.60 -21.05 20.37
CA THR C 170 -11.76 -19.62 20.59
C THR C 170 -13.19 -19.22 20.86
N GLY C 171 -14.14 -20.08 20.48
CA GLY C 171 -15.55 -19.79 20.68
C GLY C 171 -16.12 -18.87 19.62
N LYS C 172 -15.33 -17.87 19.23
CA LYS C 172 -15.75 -16.93 18.21
C LYS C 172 -15.52 -17.51 16.83
N LYS C 173 -16.59 -17.62 16.04
CA LYS C 173 -16.49 -18.18 14.69
C LYS C 173 -15.33 -17.55 13.93
N PRO C 174 -14.67 -18.34 13.08
CA PRO C 174 -13.55 -17.85 12.29
C PRO C 174 -13.99 -16.90 11.18
N SER C 175 -15.28 -16.93 10.82
CA SER C 175 -15.79 -16.05 9.77
C SER C 175 -15.71 -14.58 10.21
N GLU C 176 -16.12 -14.33 11.44
CA GLU C 176 -16.08 -12.99 11.97
C GLU C 176 -14.64 -12.52 12.15
N THR C 177 -13.77 -13.40 12.65
CA THR C 177 -12.36 -13.06 12.90
C THR C 177 -11.67 -12.46 11.69
N PHE C 178 -12.03 -12.99 10.52
CA PHE C 178 -11.47 -12.54 9.25
C PHE C 178 -12.17 -11.28 8.75
N ASN C 179 -13.47 -11.16 9.01
CA ASN C 179 -14.23 -9.99 8.56
C ASN C 179 -13.75 -8.72 9.23
N GLU C 180 -13.05 -8.88 10.35
CA GLU C 180 -12.52 -7.76 11.12
C GLU C 180 -11.06 -8.03 11.44
N GLN C 181 -10.29 -8.35 10.41
CA GLN C 181 -8.88 -8.64 10.58
C GLN C 181 -7.97 -7.50 10.14
N LYS C 182 -6.97 -7.21 10.96
CA LYS C 182 -6.02 -6.14 10.69
C LYS C 182 -5.51 -6.20 9.24
N ILE C 183 -4.86 -7.31 8.89
CA ILE C 183 -4.31 -7.50 7.55
C ILE C 183 -3.05 -6.65 7.34
N THR C 184 -2.83 -5.67 8.23
CA THR C 184 -1.67 -4.76 8.17
C THR C 184 -0.37 -5.53 8.36
N LEU C 185 0.74 -4.91 7.99
CA LEU C 185 2.00 -5.60 8.14
C LEU C 185 2.85 -5.02 9.25
N LYS C 186 3.43 -5.91 10.06
CA LYS C 186 4.29 -5.51 11.17
C LYS C 186 5.61 -5.05 10.59
N PHE C 187 6.19 -4.01 11.15
CA PHE C 187 7.48 -3.50 10.66
C PHE C 187 7.40 -3.05 9.20
N ASP C 188 7.75 -1.80 8.93
CA ASP C 188 7.75 -1.29 7.57
C ASP C 188 8.59 -2.24 6.72
N THR C 189 7.96 -2.82 5.70
CA THR C 189 8.65 -3.79 4.85
C THR C 189 8.84 -3.36 3.39
N LEU C 190 9.83 -3.98 2.77
CA LEU C 190 10.16 -3.69 1.38
C LEU C 190 10.24 -5.02 0.67
N PHE C 191 9.20 -5.32 -0.11
CA PHE C 191 9.18 -6.55 -0.86
C PHE C 191 9.87 -6.45 -2.20
N LEU C 192 10.89 -7.26 -2.43
CA LEU C 192 11.60 -7.25 -3.70
C LEU C 192 11.32 -8.57 -4.46
N TRP C 193 10.70 -8.48 -5.64
CA TRP C 193 10.39 -9.67 -6.43
C TRP C 193 11.46 -9.88 -7.51
N LEU C 194 12.36 -10.82 -7.27
CA LEU C 194 13.45 -11.07 -8.21
C LEU C 194 12.96 -12.11 -9.19
N TYR C 195 12.12 -11.68 -10.11
CA TYR C 195 11.53 -12.59 -11.09
C TYR C 195 12.46 -12.81 -12.29
N SER C 196 12.12 -13.81 -13.09
CA SER C 196 12.86 -14.15 -14.31
C SER C 196 11.96 -14.89 -15.30
N LYS C 197 11.99 -14.54 -16.58
CA LYS C 197 11.16 -15.19 -17.59
C LYS C 197 11.10 -16.69 -17.33
N PRO C 198 9.96 -17.34 -17.64
CA PRO C 198 9.77 -18.78 -17.43
C PRO C 198 10.66 -19.67 -18.31
N GLU C 199 10.60 -19.46 -19.61
CA GLU C 199 11.41 -20.27 -20.48
C GLU C 199 12.86 -20.33 -20.00
N PRO C 200 13.56 -19.18 -19.94
CA PRO C 200 14.95 -19.20 -19.49
C PRO C 200 15.11 -19.76 -18.09
N LEU C 201 14.40 -19.18 -17.14
CA LEU C 201 14.47 -19.65 -15.77
C LEU C 201 14.31 -21.15 -15.67
N PHE C 202 13.70 -21.74 -16.69
CA PHE C 202 13.50 -23.19 -16.69
C PHE C 202 14.74 -23.89 -17.20
N GLN C 203 15.26 -23.41 -18.32
CA GLN C 203 16.47 -23.96 -18.92
C GLN C 203 17.60 -23.90 -17.89
N ARG C 204 17.65 -22.80 -17.15
CA ARG C 204 18.66 -22.60 -16.13
C ARG C 204 18.42 -23.53 -14.95
N LEU C 205 17.17 -23.64 -14.53
CA LEU C 205 16.84 -24.51 -13.41
C LEU C 205 17.16 -25.97 -13.67
N ASP C 206 17.32 -26.32 -14.95
CA ASP C 206 17.61 -27.69 -15.32
C ASP C 206 19.10 -27.90 -15.48
N ASP C 207 19.80 -26.94 -16.06
CA ASP C 207 21.24 -27.13 -16.18
C ASP C 207 21.77 -27.06 -14.76
N ARG C 208 20.93 -26.57 -13.86
CA ARG C 208 21.31 -26.43 -12.47
C ARG C 208 21.21 -27.77 -11.75
N VAL C 209 20.33 -28.63 -12.25
CA VAL C 209 20.18 -29.97 -11.70
C VAL C 209 21.36 -30.84 -12.20
N ASP C 210 21.76 -30.63 -13.45
CA ASP C 210 22.87 -31.38 -14.04
C ASP C 210 24.15 -31.10 -13.27
N ASP C 211 24.61 -29.85 -13.33
CA ASP C 211 25.83 -29.45 -12.65
C ASP C 211 25.67 -29.60 -11.14
N MET C 212 24.51 -30.09 -10.73
CA MET C 212 24.25 -30.30 -9.31
C MET C 212 24.82 -31.64 -8.86
N LEU C 213 24.96 -32.59 -9.78
CA LEU C 213 25.53 -33.89 -9.45
C LEU C 213 27.03 -33.80 -9.25
N GLU C 214 27.68 -32.93 -10.03
CA GLU C 214 29.13 -32.73 -9.94
C GLU C 214 29.56 -32.22 -8.56
N ARG C 215 28.88 -31.19 -8.05
CA ARG C 215 29.23 -30.65 -6.75
C ARG C 215 29.14 -31.72 -5.66
N GLY C 216 28.63 -32.87 -6.04
CA GLY C 216 28.51 -33.97 -5.10
C GLY C 216 27.09 -34.30 -4.70
N ALA C 217 26.15 -34.13 -5.62
CA ALA C 217 24.76 -34.43 -5.33
C ALA C 217 24.63 -35.91 -4.96
N LEU C 218 25.55 -36.72 -5.47
CA LEU C 218 25.55 -38.15 -5.20
C LEU C 218 25.76 -38.44 -3.71
N GLN C 219 26.89 -38.00 -3.17
CA GLN C 219 27.21 -38.20 -1.76
C GLN C 219 26.12 -37.60 -0.89
N GLU C 220 25.62 -36.44 -1.31
CA GLU C 220 24.57 -35.75 -0.57
C GLU C 220 23.42 -36.70 -0.26
N ILE C 221 22.77 -37.17 -1.32
CA ILE C 221 21.65 -38.08 -1.20
C ILE C 221 22.09 -39.39 -0.60
N LYS C 222 23.32 -39.82 -0.90
CA LYS C 222 23.85 -41.07 -0.38
C LYS C 222 23.95 -41.01 1.15
N GLN C 223 24.38 -39.85 1.65
CA GLN C 223 24.52 -39.62 3.09
C GLN C 223 23.13 -39.43 3.68
N LEU C 224 22.14 -39.32 2.80
CA LEU C 224 20.76 -39.15 3.21
C LEU C 224 20.10 -40.51 3.37
N TYR C 225 20.45 -41.43 2.47
CA TYR C 225 19.90 -42.79 2.50
C TYR C 225 20.50 -43.54 3.68
N GLU C 226 21.67 -43.07 4.13
CA GLU C 226 22.36 -43.68 5.26
C GLU C 226 21.55 -43.44 6.53
N TYR C 227 21.06 -42.22 6.70
CA TYR C 227 20.26 -41.88 7.87
C TYR C 227 18.92 -42.59 7.77
N TYR C 228 18.58 -43.01 6.55
CA TYR C 228 17.32 -43.72 6.27
C TYR C 228 17.30 -45.01 7.08
N SER C 229 18.42 -45.72 7.12
CA SER C 229 18.49 -46.96 7.90
C SER C 229 18.67 -46.55 9.35
N GLN C 230 19.29 -47.42 10.15
CA GLN C 230 19.52 -47.14 11.57
C GLN C 230 18.40 -46.32 12.21
N ASN C 231 17.16 -46.55 11.77
CA ASN C 231 16.00 -45.83 12.33
C ASN C 231 14.69 -46.40 11.78
N LYS C 232 14.64 -46.65 10.48
CA LYS C 232 13.45 -47.19 9.83
C LYS C 232 12.14 -46.47 10.12
N PHE C 233 11.39 -46.20 9.05
CA PHE C 233 10.11 -45.53 9.14
C PHE C 233 9.45 -45.51 7.76
N THR C 234 8.51 -46.43 7.56
CA THR C 234 7.78 -46.57 6.29
C THR C 234 7.24 -45.21 5.79
N PRO C 235 6.67 -45.16 4.56
CA PRO C 235 6.13 -43.91 4.02
C PRO C 235 4.98 -43.29 4.85
N GLU C 236 4.89 -43.70 6.13
CA GLU C 236 3.87 -43.22 7.06
C GLU C 236 4.35 -41.90 7.68
N GLN C 237 5.56 -41.51 7.32
CA GLN C 237 6.17 -40.28 7.80
C GLN C 237 7.48 -39.99 7.05
N CYS C 238 7.83 -40.91 6.14
CA CYS C 238 9.04 -40.80 5.32
C CYS C 238 8.77 -40.02 4.03
N GLU C 239 7.84 -39.08 4.11
CA GLU C 239 7.46 -38.23 2.99
C GLU C 239 6.87 -36.92 3.52
N ASN C 240 7.62 -36.25 4.39
CA ASN C 240 7.17 -34.99 4.98
C ASN C 240 8.36 -34.27 5.66
N GLY C 241 9.51 -34.95 5.73
CA GLY C 241 10.69 -34.37 6.34
C GLY C 241 11.73 -34.01 5.29
N VAL C 242 13.01 -34.24 5.57
CA VAL C 242 14.05 -33.93 4.60
C VAL C 242 13.75 -34.69 3.30
N TRP C 243 13.05 -35.82 3.46
CA TRP C 243 12.67 -36.74 2.39
C TRP C 243 12.11 -36.06 1.14
N GLN C 244 11.54 -34.88 1.32
CA GLN C 244 10.99 -34.13 0.21
C GLN C 244 12.04 -33.57 -0.71
N VAL C 245 13.22 -33.28 -0.19
CA VAL C 245 14.26 -32.75 -1.06
C VAL C 245 14.28 -33.48 -2.41
N ILE C 246 14.58 -32.73 -3.47
CA ILE C 246 14.63 -33.28 -4.83
C ILE C 246 15.90 -34.06 -5.05
N GLY C 247 15.78 -35.39 -5.16
CA GLY C 247 16.92 -36.25 -5.38
C GLY C 247 16.95 -37.50 -4.51
N PHE C 248 16.20 -37.45 -3.41
CA PHE C 248 16.13 -38.56 -2.48
C PHE C 248 15.07 -39.55 -2.95
N LYS C 249 13.80 -39.15 -2.87
CA LYS C 249 12.69 -40.00 -3.28
C LYS C 249 12.83 -40.44 -4.73
N GLU C 250 13.63 -39.72 -5.52
CA GLU C 250 13.84 -40.07 -6.92
C GLU C 250 14.70 -41.32 -7.05
N PHE C 251 15.74 -41.40 -6.22
CA PHE C 251 16.64 -42.56 -6.24
C PHE C 251 16.27 -43.58 -5.17
N LEU C 252 15.23 -43.27 -4.40
CA LEU C 252 14.74 -44.15 -3.33
C LEU C 252 14.34 -45.49 -3.92
N PRO C 253 13.35 -45.51 -4.83
CA PRO C 253 12.93 -46.76 -5.43
C PRO C 253 14.00 -47.30 -6.38
N TRP C 254 14.91 -46.44 -6.81
CA TRP C 254 15.98 -46.85 -7.72
C TRP C 254 17.10 -47.45 -6.90
N LEU C 255 16.82 -47.67 -5.62
CA LEU C 255 17.76 -48.27 -4.69
C LEU C 255 17.01 -49.17 -3.71
N THR C 256 15.77 -49.52 -4.05
CA THR C 256 14.92 -50.37 -3.22
C THR C 256 14.99 -49.96 -1.75
N VAL C 264 17.45 -45.89 -20.69
CA VAL C 264 18.08 -44.89 -19.84
C VAL C 264 17.45 -44.86 -18.43
N LYS C 265 17.81 -45.84 -17.60
CA LYS C 265 17.28 -45.96 -16.22
C LYS C 265 17.77 -44.78 -15.37
N LEU C 266 18.67 -43.99 -15.93
CA LEU C 266 19.20 -42.81 -15.27
C LEU C 266 18.15 -41.71 -15.40
N GLU C 267 17.50 -41.66 -16.55
CA GLU C 267 16.46 -40.67 -16.85
C GLU C 267 15.33 -40.74 -15.82
N ASP C 268 15.05 -41.94 -15.36
CA ASP C 268 13.98 -42.16 -14.38
C ASP C 268 14.07 -41.15 -13.24
N CYS C 269 15.27 -40.72 -12.90
CA CYS C 269 15.43 -39.78 -11.80
C CYS C 269 15.82 -38.41 -12.27
N ILE C 270 16.55 -38.36 -13.37
CA ILE C 270 16.98 -37.09 -13.95
C ILE C 270 15.77 -36.26 -14.37
N GLU C 271 15.02 -36.73 -15.37
CA GLU C 271 13.85 -36.01 -15.85
C GLU C 271 12.85 -35.71 -14.75
N ARG C 272 12.63 -36.68 -13.87
CA ARG C 272 11.69 -36.46 -12.78
C ARG C 272 12.17 -35.32 -11.90
N MET C 273 13.47 -35.28 -11.59
CA MET C 273 14.02 -34.22 -10.74
C MET C 273 13.83 -32.87 -11.38
N LYS C 274 14.27 -32.74 -12.61
CA LYS C 274 14.14 -31.48 -13.32
C LYS C 274 12.69 -31.02 -13.37
N THR C 275 11.77 -31.99 -13.36
CA THR C 275 10.32 -31.69 -13.40
C THR C 275 9.87 -31.15 -12.06
N ARG C 276 10.09 -31.93 -11.02
CA ARG C 276 9.73 -31.48 -9.70
C ARG C 276 10.22 -30.05 -9.43
N THR C 277 11.43 -29.72 -9.90
CA THR C 277 12.00 -28.39 -9.66
C THR C 277 11.10 -27.30 -10.23
N ARG C 278 10.76 -27.45 -11.51
CA ARG C 278 9.91 -26.52 -12.22
C ARG C 278 8.57 -26.34 -11.57
N GLN C 279 8.00 -27.46 -11.13
CA GLN C 279 6.70 -27.42 -10.47
C GLN C 279 6.74 -26.46 -9.29
N TYR C 280 7.75 -26.64 -8.43
CA TYR C 280 7.90 -25.80 -7.25
C TYR C 280 7.97 -24.35 -7.67
N ALA C 281 8.75 -24.09 -8.70
CA ALA C 281 8.93 -22.74 -9.24
C ALA C 281 7.60 -22.13 -9.63
N LYS C 282 6.89 -22.83 -10.52
CA LYS C 282 5.60 -22.40 -11.03
C LYS C 282 4.67 -22.03 -9.89
N ARG C 283 4.58 -22.89 -8.88
CA ARG C 283 3.70 -22.61 -7.76
C ARG C 283 4.16 -21.37 -7.01
N GLN C 284 5.47 -21.22 -6.86
CA GLN C 284 6.06 -20.08 -6.17
C GLN C 284 5.53 -18.81 -6.81
N VAL C 285 5.69 -18.72 -8.12
CA VAL C 285 5.22 -17.56 -8.86
C VAL C 285 3.74 -17.39 -8.56
N LYS C 286 2.96 -18.45 -8.70
CA LYS C 286 1.53 -18.34 -8.47
C LYS C 286 1.18 -17.74 -7.12
N TRP C 287 1.86 -18.17 -6.07
CA TRP C 287 1.59 -17.66 -4.73
C TRP C 287 1.96 -16.18 -4.60
N ILE C 288 2.99 -15.74 -5.31
CA ILE C 288 3.36 -14.35 -5.23
C ILE C 288 2.32 -13.54 -5.96
N LYS C 289 1.91 -14.04 -7.11
CA LYS C 289 0.94 -13.33 -7.92
C LYS C 289 -0.50 -13.37 -7.45
N LYS C 290 -0.90 -14.47 -6.82
CA LYS C 290 -2.27 -14.57 -6.36
C LYS C 290 -2.46 -14.29 -4.89
N MET C 291 -1.41 -14.51 -4.09
CA MET C 291 -1.49 -14.28 -2.65
C MET C 291 -0.73 -13.03 -2.19
N LEU C 292 0.59 -13.15 -2.10
CA LEU C 292 1.42 -12.07 -1.66
C LEU C 292 1.01 -10.69 -2.18
N ILE C 293 1.39 -10.41 -3.42
CA ILE C 293 1.11 -9.13 -4.06
C ILE C 293 -0.26 -8.55 -3.74
N PRO C 294 -1.33 -9.28 -4.05
CA PRO C 294 -2.68 -8.81 -3.75
C PRO C 294 -2.86 -8.36 -2.31
N ASP C 295 -2.28 -9.12 -1.37
CA ASP C 295 -2.36 -8.82 0.08
C ASP C 295 -1.63 -7.55 0.47
N ILE C 296 -0.40 -7.40 0.02
CA ILE C 296 0.33 -6.18 0.32
C ILE C 296 -0.09 -5.06 -0.65
N LYS C 297 -1.26 -5.21 -1.27
CA LYS C 297 -1.78 -4.22 -2.21
C LYS C 297 -0.75 -3.76 -3.23
N GLY C 298 -0.43 -4.64 -4.17
CA GLY C 298 0.53 -4.35 -5.22
C GLY C 298 1.79 -3.56 -4.88
N ASP C 299 2.16 -3.52 -3.61
CA ASP C 299 3.36 -2.77 -3.23
C ASP C 299 4.58 -3.68 -3.19
N ILE C 300 5.27 -3.78 -4.32
CA ILE C 300 6.42 -4.66 -4.38
C ILE C 300 7.25 -4.19 -5.54
N TYR C 301 8.54 -4.48 -5.52
CA TYR C 301 9.40 -4.06 -6.60
C TYR C 301 10.02 -5.21 -7.37
N LEU C 302 9.65 -5.34 -8.63
CA LEU C 302 10.18 -6.38 -9.50
C LEU C 302 11.65 -6.17 -9.84
N LEU C 303 12.34 -7.25 -10.21
CA LEU C 303 13.74 -7.19 -10.59
C LEU C 303 14.03 -8.14 -11.76
N ASP C 304 14.09 -7.61 -12.97
CA ASP C 304 14.31 -8.45 -14.15
C ASP C 304 15.57 -9.27 -14.02
N ALA C 305 15.43 -10.56 -13.79
CA ALA C 305 16.58 -11.44 -13.64
C ALA C 305 16.67 -12.40 -14.81
N THR C 306 15.87 -12.15 -15.83
CA THR C 306 15.89 -13.03 -16.97
C THR C 306 17.29 -13.15 -17.57
N ASP C 307 17.84 -12.01 -17.96
CA ASP C 307 19.18 -11.99 -18.54
C ASP C 307 20.18 -11.85 -17.39
N LEU C 308 20.97 -12.89 -17.15
CA LEU C 308 21.94 -12.85 -16.06
C LEU C 308 23.17 -12.02 -16.40
N SER C 309 23.26 -11.62 -17.65
CA SER C 309 24.39 -10.81 -18.06
C SER C 309 24.09 -9.34 -17.74
N GLN C 310 22.92 -9.09 -17.18
CA GLN C 310 22.59 -7.72 -16.85
C GLN C 310 22.12 -7.70 -15.42
N TRP C 311 22.32 -8.79 -14.70
CA TRP C 311 21.88 -8.84 -13.31
C TRP C 311 22.43 -7.70 -12.45
N ASP C 312 23.69 -7.36 -12.65
CA ASP C 312 24.36 -6.31 -11.87
C ASP C 312 23.66 -4.97 -11.99
N THR C 313 23.12 -4.72 -13.17
CA THR C 313 22.45 -3.47 -13.40
C THR C 313 20.94 -3.56 -13.25
N ASN C 314 20.37 -4.67 -13.69
CA ASN C 314 18.91 -4.90 -13.62
C ASN C 314 18.37 -5.41 -12.28
N ALA C 315 19.24 -5.98 -11.45
CA ALA C 315 18.83 -6.53 -10.15
C ALA C 315 19.70 -6.03 -9.01
N SER C 316 21.01 -6.01 -9.22
CA SER C 316 21.93 -5.55 -8.19
C SER C 316 21.78 -4.05 -7.97
N GLN C 317 22.38 -3.25 -8.85
CA GLN C 317 22.33 -1.79 -8.76
C GLN C 317 20.92 -1.31 -8.38
N ARG C 318 19.95 -1.73 -9.17
CA ARG C 318 18.56 -1.38 -8.94
C ARG C 318 18.18 -1.70 -7.50
N ALA C 319 18.50 -2.89 -7.03
CA ALA C 319 18.15 -3.31 -5.67
C ALA C 319 18.69 -2.38 -4.60
N ILE C 320 19.98 -2.08 -4.69
CA ILE C 320 20.61 -1.18 -3.73
C ILE C 320 19.82 0.14 -3.68
N ALA C 321 19.70 0.81 -4.83
CA ALA C 321 18.99 2.09 -4.93
C ALA C 321 17.67 2.02 -4.18
N ILE C 322 16.79 1.12 -4.62
CA ILE C 322 15.49 0.96 -3.98
C ILE C 322 15.66 0.73 -2.49
N SER C 323 16.41 -0.30 -2.13
CA SER C 323 16.65 -0.63 -0.73
C SER C 323 17.14 0.58 0.07
N ASN C 324 17.95 1.42 -0.58
CA ASN C 324 18.50 2.58 0.07
C ASN C 324 17.39 3.50 0.59
N ASP C 325 16.70 4.17 -0.32
CA ASP C 325 15.62 5.08 0.03
C ASP C 325 14.69 4.44 1.06
N PHE C 326 14.51 3.14 0.96
CA PHE C 326 13.63 2.45 1.90
C PHE C 326 14.14 2.66 3.32
N ILE C 327 15.41 2.36 3.54
CA ILE C 327 16.00 2.51 4.85
C ILE C 327 16.16 3.97 5.24
N SER C 328 16.56 4.80 4.27
CA SER C 328 16.75 6.23 4.48
C SER C 328 15.43 6.96 4.72
N ASN C 329 14.36 6.21 4.95
CA ASN C 329 13.05 6.80 5.19
C ASN C 329 12.67 7.85 4.16
N ARG C 330 13.11 7.63 2.93
CA ARG C 330 12.81 8.53 1.82
C ARG C 330 11.99 7.79 0.79
N PRO C 331 10.85 8.36 0.36
CA PRO C 331 10.03 7.66 -0.63
C PRO C 331 10.81 7.30 -1.92
N ILE C 332 10.66 6.05 -2.38
CA ILE C 332 11.35 5.54 -3.57
C ILE C 332 10.87 6.20 -4.84
N LYS C 333 11.78 6.39 -5.79
CA LYS C 333 11.43 6.99 -7.06
C LYS C 333 11.50 5.97 -8.19
N GLN C 334 11.83 4.72 -7.84
CA GLN C 334 11.94 3.65 -8.83
C GLN C 334 10.59 3.31 -9.43
N GLU C 335 10.58 3.08 -10.74
CA GLU C 335 9.33 2.81 -11.39
C GLU C 335 8.55 1.60 -10.89
N ARG C 336 9.12 0.86 -9.94
CA ARG C 336 8.43 -0.30 -9.37
C ARG C 336 8.47 -1.56 -10.22
N ALA C 337 8.75 -1.42 -11.52
CA ALA C 337 8.81 -2.56 -12.44
C ALA C 337 9.20 -2.14 -13.85
N PRO C 338 10.24 -2.77 -14.41
CA PRO C 338 10.70 -2.45 -15.78
C PRO C 338 9.60 -2.68 -16.82
N LYS C 339 9.56 -1.83 -17.85
CA LYS C 339 8.52 -1.92 -18.88
C LYS C 339 8.37 -3.34 -19.38
N ALA C 340 9.48 -4.07 -19.43
CA ALA C 340 9.44 -5.44 -19.88
C ALA C 340 8.48 -6.29 -19.03
N LEU C 341 8.80 -6.44 -17.75
CA LEU C 341 7.95 -7.21 -16.84
C LEU C 341 6.97 -6.20 -16.23
N GLU C 342 6.03 -5.69 -17.02
CA GLU C 342 5.12 -4.69 -16.48
C GLU C 342 3.78 -5.22 -16.12
N GLU C 343 3.28 -6.12 -16.94
CA GLU C 343 1.97 -6.70 -16.72
C GLU C 343 1.92 -7.51 -15.45
N LEU C 344 3.06 -8.05 -15.05
CA LEU C 344 3.17 -8.87 -13.86
C LEU C 344 2.50 -8.28 -12.63
N LEU C 345 2.48 -6.96 -12.53
CA LEU C 345 1.87 -6.31 -11.38
C LEU C 345 0.44 -5.84 -11.65
N SER C 346 0.00 -5.94 -12.90
CA SER C 346 -1.36 -5.52 -13.28
C SER C 346 -2.41 -6.35 -12.58
N LYS C 347 -3.48 -5.70 -12.13
CA LYS C 347 -4.55 -6.40 -11.45
C LYS C 347 -4.95 -7.65 -12.21
N GLY C 348 -4.88 -7.57 -13.53
CA GLY C 348 -5.25 -8.72 -14.33
C GLY C 348 -4.35 -9.93 -14.15
N GLU C 349 -3.05 -9.71 -14.01
CA GLU C 349 -2.13 -10.84 -13.85
C GLU C 349 -1.93 -11.21 -12.39
N THR C 350 -2.77 -10.64 -11.52
CA THR C 350 -2.68 -10.90 -10.09
C THR C 350 -4.03 -11.10 -9.44
N THR C 351 -4.54 -10.06 -8.79
CA THR C 351 -5.81 -10.14 -8.10
C THR C 351 -6.93 -10.68 -8.97
N MET C 352 -6.91 -10.36 -10.25
CA MET C 352 -7.93 -10.83 -11.19
C MET C 352 -8.07 -12.37 -11.23
N LYS C 353 -6.96 -13.06 -11.05
CA LYS C 353 -6.96 -14.52 -11.07
C LYS C 353 -7.57 -15.10 -9.80
N LYS C 354 -7.93 -14.24 -8.83
CA LYS C 354 -8.52 -14.72 -7.57
C LYS C 354 -9.93 -15.25 -7.70
N LEU C 355 -10.41 -15.90 -6.65
CA LEU C 355 -11.75 -16.46 -6.67
C LEU C 355 -12.66 -15.59 -5.81
N ASP C 356 -13.84 -15.26 -6.33
CA ASP C 356 -14.81 -14.42 -5.63
C ASP C 356 -16.20 -15.01 -5.49
N ASP C 357 -16.52 -15.97 -6.34
CA ASP C 357 -17.83 -16.61 -6.30
C ASP C 357 -17.70 -17.92 -5.56
N TRP C 358 -18.16 -17.98 -4.32
CA TRP C 358 -18.03 -19.21 -3.54
C TRP C 358 -19.28 -20.10 -3.48
N THR C 359 -20.36 -19.63 -4.07
CA THR C 359 -21.59 -20.41 -4.07
C THR C 359 -21.30 -21.82 -4.57
N HIS C 360 -21.67 -22.82 -3.79
CA HIS C 360 -21.44 -24.20 -4.19
C HIS C 360 -22.43 -24.70 -5.27
N TYR C 361 -22.08 -25.81 -5.92
CA TYR C 361 -22.90 -26.44 -6.98
C TYR C 361 -22.65 -27.95 -6.92
N THR C 362 -23.69 -28.76 -7.12
CA THR C 362 -23.49 -30.20 -7.07
C THR C 362 -24.01 -30.88 -8.31
N CYS C 363 -23.21 -31.75 -8.89
CA CYS C 363 -23.64 -32.43 -10.09
C CYS C 363 -24.21 -33.75 -9.63
N ASN C 364 -25.42 -34.05 -10.06
CA ASN C 364 -26.10 -35.31 -9.67
C ASN C 364 -25.80 -36.46 -10.64
N VAL C 365 -25.16 -36.15 -11.76
CA VAL C 365 -24.85 -37.18 -12.74
C VAL C 365 -23.37 -37.52 -12.77
N CYS C 366 -22.62 -36.99 -11.81
CA CYS C 366 -21.18 -37.23 -11.74
C CYS C 366 -20.70 -37.48 -10.30
N ARG C 367 -19.71 -38.36 -10.16
CA ARG C 367 -19.14 -38.67 -8.85
C ARG C 367 -17.77 -39.31 -9.01
N ASN C 368 -16.88 -39.01 -8.04
CA ASN C 368 -15.51 -39.52 -8.05
C ASN C 368 -15.45 -40.87 -7.40
N ALA C 369 -14.25 -41.37 -7.17
CA ALA C 369 -14.10 -42.69 -6.56
C ALA C 369 -14.69 -42.76 -5.16
N ASP C 370 -14.54 -41.68 -4.39
CA ASP C 370 -15.07 -41.66 -3.04
C ASP C 370 -16.58 -41.80 -3.01
N GLY C 371 -17.17 -41.94 -4.20
CA GLY C 371 -18.62 -42.08 -4.28
C GLY C 371 -19.37 -40.75 -4.34
N LYS C 372 -18.90 -39.77 -3.57
CA LYS C 372 -19.50 -38.43 -3.49
C LYS C 372 -19.70 -37.81 -4.88
N ASN C 373 -20.71 -36.93 -5.01
CA ASN C 373 -20.95 -36.28 -6.28
C ASN C 373 -19.95 -35.15 -6.37
N VAL C 374 -19.69 -34.67 -7.58
CA VAL C 374 -18.74 -33.58 -7.78
C VAL C 374 -19.24 -32.29 -7.16
N VAL C 375 -18.35 -31.48 -6.64
CA VAL C 375 -18.79 -30.25 -6.02
C VAL C 375 -18.05 -29.06 -6.58
N ALA C 376 -18.65 -28.32 -7.49
CA ALA C 376 -18.02 -27.15 -8.06
C ALA C 376 -18.16 -25.96 -7.10
N ILE C 377 -17.23 -25.03 -7.15
CA ILE C 377 -17.30 -23.82 -6.31
C ILE C 377 -17.13 -22.59 -7.22
N GLY C 378 -18.23 -21.88 -7.46
CA GLY C 378 -18.15 -20.71 -8.34
C GLY C 378 -18.78 -20.93 -9.70
N GLU C 379 -19.58 -19.95 -10.11
CA GLU C 379 -20.27 -19.99 -11.39
C GLU C 379 -19.30 -20.32 -12.53
N LYS C 380 -18.20 -19.56 -12.60
CA LYS C 380 -17.19 -19.76 -13.62
C LYS C 380 -16.78 -21.22 -13.76
N TYR C 381 -16.54 -21.89 -12.63
CA TYR C 381 -16.12 -23.30 -12.60
C TYR C 381 -17.27 -24.29 -12.69
N TRP C 382 -18.40 -23.94 -12.11
CA TRP C 382 -19.55 -24.82 -12.19
C TRP C 382 -19.91 -25.03 -13.66
N LYS C 383 -19.70 -23.97 -14.45
CA LYS C 383 -20.03 -24.01 -15.86
C LYS C 383 -19.00 -24.79 -16.61
N ILE C 384 -17.79 -24.85 -16.06
CA ILE C 384 -16.72 -25.59 -16.71
C ILE C 384 -17.03 -27.08 -16.60
N HIS C 385 -17.36 -27.53 -15.40
CA HIS C 385 -17.69 -28.93 -15.19
C HIS C 385 -18.77 -29.35 -16.17
N LEU C 386 -19.84 -28.56 -16.25
CA LEU C 386 -20.97 -28.83 -17.13
C LEU C 386 -20.54 -28.92 -18.58
N GLY C 387 -19.27 -28.66 -18.86
CA GLY C 387 -18.78 -28.72 -20.22
C GLY C 387 -17.66 -29.71 -20.42
N SER C 388 -17.13 -30.24 -19.32
CA SER C 388 -16.03 -31.20 -19.37
C SER C 388 -16.43 -32.53 -19.98
N ARG C 389 -15.49 -33.16 -20.67
CA ARG C 389 -15.77 -34.46 -21.27
C ARG C 389 -16.44 -35.34 -20.21
N ARG C 390 -15.87 -35.34 -19.02
CA ARG C 390 -16.39 -36.13 -17.92
C ARG C 390 -17.92 -36.02 -17.89
N HIS C 391 -18.40 -34.80 -17.65
CA HIS C 391 -19.81 -34.54 -17.58
C HIS C 391 -20.50 -34.92 -18.89
N LYS C 392 -19.87 -34.60 -20.01
CA LYS C 392 -20.46 -34.94 -21.30
C LYS C 392 -20.64 -36.43 -21.46
N SER C 393 -19.69 -37.21 -20.96
CA SER C 393 -19.81 -38.66 -21.10
C SER C 393 -20.87 -39.22 -20.16
N ASN C 394 -20.74 -38.94 -18.87
CA ASN C 394 -21.72 -39.41 -17.90
C ASN C 394 -23.13 -38.99 -18.30
N LEU C 395 -23.26 -37.80 -18.88
CA LEU C 395 -24.56 -37.26 -19.31
C LEU C 395 -25.07 -37.95 -20.57
N LYS C 396 -24.14 -38.43 -21.38
CA LYS C 396 -24.49 -39.12 -22.61
C LYS C 396 -24.90 -40.57 -22.34
N ARG C 397 -24.05 -41.31 -21.63
CA ARG C 397 -24.34 -42.72 -21.31
C ARG C 397 -25.50 -42.79 -20.32
N ASN C 398 -25.92 -41.63 -19.84
CA ASN C 398 -27.01 -41.57 -18.90
C ASN C 398 -28.27 -41.58 -19.74
N THR C 399 -28.33 -40.65 -20.69
CA THR C 399 -29.47 -40.50 -21.59
C THR C 399 -29.37 -41.56 -22.65
N ARG C 400 -28.29 -42.32 -22.59
CA ARG C 400 -28.05 -43.38 -23.55
C ARG C 400 -28.57 -44.69 -22.96
N GLN C 401 -28.36 -44.88 -21.65
CA GLN C 401 -28.82 -46.08 -20.95
C GLN C 401 -30.34 -45.96 -20.81
N ALA C 402 -30.82 -44.73 -20.93
CA ALA C 402 -32.26 -44.47 -20.83
C ALA C 402 -32.93 -44.89 -22.13
N ASP C 403 -32.22 -44.77 -23.25
CA ASP C 403 -32.78 -45.13 -24.55
C ASP C 403 -33.00 -46.62 -24.66
N PHE C 404 -32.82 -47.31 -23.54
CA PHE C 404 -33.00 -48.75 -23.48
C PHE C 404 -34.45 -49.02 -23.12
N GLU C 405 -35.21 -47.94 -22.96
CA GLU C 405 -36.63 -48.06 -22.64
C GLU C 405 -37.41 -48.04 -23.92
N LYS C 406 -37.09 -47.10 -24.80
CA LYS C 406 -37.79 -47.02 -26.07
C LYS C 406 -37.76 -48.42 -26.69
N TRP C 407 -36.64 -49.11 -26.51
CA TRP C 407 -36.45 -50.45 -27.04
C TRP C 407 -36.86 -51.46 -25.95
N LYS C 408 -38.09 -51.34 -25.47
CA LYS C 408 -38.60 -52.22 -24.41
C LYS C 408 -40.07 -51.89 -24.14
N ILE C 409 -40.49 -50.72 -24.62
CA ILE C 409 -41.87 -50.24 -24.43
C ILE C 409 -42.48 -49.86 -25.79
ZN ZN E . 23.24 34.80 -7.59
O1 DMA F . -19.18 21.33 -9.82
PA DMA F . -19.00 19.88 -9.61
O1A DMA F . -20.05 19.29 -8.54
O2A DMA F . -19.22 19.03 -10.96
O3A DMA F . -17.54 19.49 -9.06
PB DMA F . -17.28 19.22 -7.50
O1B DMA F . -18.37 18.13 -7.02
O2B DMA F . -15.84 18.50 -7.41
O3B DMA F . -17.33 20.46 -6.69
MG MG G . 27.62 62.45 -33.98
ZN ZN H . -20.94 -33.72 -14.17
MG MG I . 21.73 -20.25 -3.45
O1 DMA J . 21.09 -18.69 -5.45
PA DMA J . 20.21 -19.14 -6.57
O1A DMA J . 19.63 -20.63 -6.66
O2A DMA J . 20.27 -18.44 -8.01
O3A DMA J . 18.83 -18.48 -6.10
PB DMA J . 18.12 -18.85 -4.70
O1B DMA J . 16.80 -17.95 -4.58
O2B DMA J . 17.63 -20.38 -4.83
O3B DMA J . 19.03 -18.66 -3.54
MG MG K . 10.72 -51.43 -51.85
MG MG L . -1.08 -34.34 -13.29
#